data_7JP2
#
_entry.id   7JP2
#
_cell.length_a   72.660
_cell.length_b   94.687
_cell.length_c   101.455
_cell.angle_alpha   90.000
_cell.angle_beta   90.000
_cell.angle_gamma   90.000
#
_symmetry.space_group_name_H-M   'P 21 21 21'
#
loop_
_entity.id
_entity.type
_entity.pdbx_description
1 polymer 'D-lactate dehydrogenase'
2 non-polymer 1,2-ETHANEDIOL
3 non-polymer 'CHLORIDE ION'
4 water water
#
_entity_poly.entity_id   1
_entity_poly.type   'polypeptide(L)'
_entity_poly.pdbx_seq_one_letter_code
;GAMGSMRCVVFNLREEEAPYVEKWKQSHPGVVVDTYEEPLTAKNKELLKGYEGLVVMQFLAMEDEVYDYMGACKLKVLST
RTAGFDMYNATLLKKHGIRLTNVPSYSPNAIGEYALAAALQLTRHAREIETFVRKRDFRWQKPILSKELRCSRVGILGTG
RIGQAAARLFKGVGAQVVGFDPYPNDAAKEWLTYVSMDELLSTSDVISLHMPATKDSHHLINAKTIAQMKDGVYLVNTAR
GAVIDSQALLDSLDKGKIAGAALDAYEFEGPYIPKDNGNNPITDTVYARLVAHERIIYTPHIAFYTETAIENMVFNSLDA
CTTVLRGEPCAAEIKL
;
_entity_poly.pdbx_strand_id   A,B
#
loop_
_chem_comp.id
_chem_comp.type
_chem_comp.name
_chem_comp.formula
CL non-polymer 'CHLORIDE ION' 'Cl -1'
EDO non-polymer 1,2-ETHANEDIOL 'C2 H6 O2'
#
# COMPACT_ATOMS: atom_id res chain seq x y z
N MET A 6 14.84 -14.77 -41.12
CA MET A 6 14.39 -14.61 -39.72
C MET A 6 15.25 -13.59 -38.97
N ARG A 7 15.49 -12.44 -39.60
CA ARG A 7 16.32 -11.38 -39.02
C ARG A 7 15.43 -10.28 -38.44
N CYS A 8 15.58 -10.04 -37.13
CA CYS A 8 14.80 -9.05 -36.42
C CYS A 8 15.72 -8.02 -35.78
N VAL A 9 15.26 -6.78 -35.74
CA VAL A 9 15.97 -5.68 -35.07
C VAL A 9 15.03 -5.04 -34.06
N VAL A 10 15.55 -4.78 -32.88
CA VAL A 10 14.81 -4.22 -31.75
C VAL A 10 15.36 -2.83 -31.48
N PHE A 11 14.49 -1.83 -31.41
CA PHE A 11 14.86 -0.47 -31.03
C PHE A 11 14.23 -0.14 -29.68
N ASN A 12 14.63 1.01 -29.14
CA ASN A 12 14.11 1.51 -27.87
C ASN A 12 14.38 0.56 -26.71
N LEU A 13 15.43 -0.26 -26.81
CA LEU A 13 15.64 -1.31 -25.81
C LEU A 13 16.12 -0.70 -24.50
N ARG A 14 15.33 -0.87 -23.44
CA ARG A 14 15.69 -0.35 -22.12
C ARG A 14 16.48 -1.41 -21.35
N GLU A 15 17.21 -0.94 -20.34
N GLU A 15 17.21 -0.94 -20.34
CA GLU A 15 18.13 -1.83 -19.64
CA GLU A 15 18.13 -1.84 -19.64
C GLU A 15 17.42 -3.04 -19.03
C GLU A 15 17.41 -3.05 -19.05
N GLU A 16 16.20 -2.84 -18.51
CA GLU A 16 15.48 -3.97 -17.90
C GLU A 16 14.94 -4.93 -18.93
N GLU A 17 14.80 -4.50 -20.19
CA GLU A 17 14.33 -5.39 -21.24
C GLU A 17 15.44 -6.29 -21.77
N ALA A 18 16.68 -5.81 -21.74
CA ALA A 18 17.79 -6.54 -22.36
C ALA A 18 17.92 -7.98 -21.89
N PRO A 19 17.86 -8.30 -20.59
CA PRO A 19 18.03 -9.71 -20.20
C PRO A 19 16.90 -10.59 -20.68
N TYR A 20 15.70 -10.03 -20.86
CA TYR A 20 14.60 -10.81 -21.42
C TYR A 20 14.81 -11.10 -22.89
N VAL A 21 15.35 -10.13 -23.65
CA VAL A 21 15.70 -10.42 -25.04
C VAL A 21 16.69 -11.57 -25.09
N GLU A 22 17.70 -11.55 -24.22
CA GLU A 22 18.69 -12.63 -24.23
C GLU A 22 18.08 -13.97 -23.86
N LYS A 23 17.15 -13.99 -22.87
CA LYS A 23 16.45 -15.23 -22.54
C LYS A 23 15.66 -15.74 -23.74
N TRP A 24 14.97 -14.84 -24.44
CA TRP A 24 14.20 -15.26 -25.60
C TRP A 24 15.11 -15.80 -26.69
N LYS A 25 16.24 -15.12 -26.95
CA LYS A 25 17.19 -15.61 -27.94
C LYS A 25 17.71 -16.98 -27.57
N GLN A 26 18.01 -17.18 -26.28
CA GLN A 26 18.55 -18.45 -25.83
C GLN A 26 17.58 -19.59 -26.12
N SER A 27 16.28 -19.32 -26.01
CA SER A 27 15.27 -20.35 -26.24
C SER A 27 14.83 -20.44 -27.69
N HIS A 28 15.31 -19.56 -28.57
CA HIS A 28 14.93 -19.53 -29.97
C HIS A 28 16.18 -19.42 -30.83
N PRO A 29 16.99 -20.48 -30.87
CA PRO A 29 18.17 -20.47 -31.74
C PRO A 29 17.78 -20.31 -33.19
N GLY A 30 18.66 -19.69 -33.96
CA GLY A 30 18.44 -19.51 -35.37
C GLY A 30 17.66 -18.27 -35.76
N VAL A 31 17.15 -17.52 -34.79
CA VAL A 31 16.53 -16.23 -35.05
C VAL A 31 17.58 -15.16 -34.73
N VAL A 32 17.87 -14.31 -35.71
CA VAL A 32 18.73 -13.16 -35.46
C VAL A 32 17.90 -12.08 -34.79
N VAL A 33 18.37 -11.61 -33.64
CA VAL A 33 17.74 -10.51 -32.92
C VAL A 33 18.85 -9.55 -32.51
N ASP A 34 19.00 -8.45 -33.25
CA ASP A 34 19.95 -7.41 -32.94
C ASP A 34 19.21 -6.27 -32.24
N THR A 35 19.89 -5.57 -31.32
CA THR A 35 19.21 -4.62 -30.48
C THR A 35 19.91 -3.27 -30.45
N TYR A 36 19.10 -2.24 -30.24
CA TYR A 36 19.55 -0.87 -30.07
C TYR A 36 18.75 -0.21 -28.97
N GLU A 37 19.46 0.52 -28.09
CA GLU A 37 18.79 1.33 -27.08
C GLU A 37 18.13 2.56 -27.69
N GLU A 38 18.72 3.09 -28.75
CA GLU A 38 18.28 4.34 -29.35
C GLU A 38 16.94 4.16 -30.06
N PRO A 39 16.20 5.25 -30.25
CA PRO A 39 15.01 5.19 -31.10
C PRO A 39 15.37 5.11 -32.57
N LEU A 40 14.38 4.71 -33.35
CA LEU A 40 14.48 4.66 -34.81
C LEU A 40 13.97 5.98 -35.36
N THR A 41 14.81 6.68 -36.13
CA THR A 41 14.48 7.98 -36.68
C THR A 41 15.00 8.07 -38.11
N ALA A 42 14.69 9.19 -38.78
CA ALA A 42 15.25 9.43 -40.11
C ALA A 42 16.78 9.38 -40.08
N LYS A 43 17.37 9.77 -38.96
CA LYS A 43 18.83 9.89 -38.86
C LYS A 43 19.54 8.55 -38.87
N ASN A 44 18.91 7.50 -38.34
CA ASN A 44 19.54 6.18 -38.30
C ASN A 44 18.72 5.12 -39.03
N LYS A 45 17.86 5.54 -39.97
CA LYS A 45 17.00 4.60 -40.66
C LYS A 45 17.80 3.50 -41.36
N GLU A 46 19.04 3.79 -41.75
CA GLU A 46 19.84 2.80 -42.48
C GLU A 46 20.10 1.55 -41.64
N LEU A 47 19.92 1.61 -40.32
CA LEU A 47 20.07 0.43 -39.49
C LEU A 47 19.01 -0.64 -39.78
N LEU A 48 17.94 -0.28 -40.50
CA LEU A 48 16.92 -1.24 -40.86
C LEU A 48 17.36 -2.20 -41.96
N LYS A 49 18.43 -1.89 -42.68
CA LYS A 49 18.78 -2.67 -43.86
C LYS A 49 19.05 -4.12 -43.47
N GLY A 50 18.41 -5.05 -44.19
CA GLY A 50 18.65 -6.46 -44.02
C GLY A 50 17.79 -7.16 -42.99
N TYR A 51 16.88 -6.45 -42.33
CA TYR A 51 15.97 -7.05 -41.36
C TYR A 51 14.58 -7.17 -41.95
N GLU A 52 13.89 -8.25 -41.57
CA GLU A 52 12.51 -8.45 -41.97
C GLU A 52 11.51 -8.14 -40.85
N GLY A 53 11.94 -8.18 -39.61
CA GLY A 53 11.09 -7.85 -38.48
C GLY A 53 11.67 -6.68 -37.69
N LEU A 54 10.79 -5.77 -37.29
CA LEU A 54 11.14 -4.61 -36.49
C LEU A 54 10.32 -4.62 -35.21
N VAL A 55 11.01 -4.55 -34.06
CA VAL A 55 10.38 -4.64 -32.75
C VAL A 55 10.66 -3.34 -32.03
N VAL A 56 9.59 -2.62 -31.68
CA VAL A 56 9.70 -1.24 -31.23
C VAL A 56 8.82 -0.99 -30.01
N MET A 57 9.17 0.09 -29.31
CA MET A 57 8.39 0.60 -28.18
C MET A 57 8.72 2.10 -28.16
N GLN A 58 8.10 2.84 -29.09
CA GLN A 58 8.50 4.21 -29.39
C GLN A 58 7.28 5.09 -29.52
N PHE A 59 7.15 6.07 -28.61
CA PHE A 59 6.09 7.06 -28.71
C PHE A 59 6.47 8.22 -29.61
N LEU A 60 7.76 8.54 -29.69
CA LEU A 60 8.24 9.53 -30.63
C LEU A 60 7.92 9.13 -32.06
N ALA A 61 7.26 10.01 -32.79
CA ALA A 61 6.88 9.69 -34.16
C ALA A 61 8.10 9.47 -35.04
N MET A 62 8.01 8.45 -35.89
CA MET A 62 8.99 8.24 -36.94
C MET A 62 8.56 9.03 -38.16
N GLU A 63 9.50 9.76 -38.76
CA GLU A 63 9.22 10.53 -39.95
C GLU A 63 8.72 9.60 -41.07
N ASP A 64 7.94 10.18 -41.99
CA ASP A 64 7.48 9.41 -43.14
C ASP A 64 8.63 8.70 -43.84
N GLU A 65 9.79 9.36 -43.95
CA GLU A 65 10.90 8.75 -44.67
C GLU A 65 11.38 7.47 -43.99
N VAL A 66 11.16 7.32 -42.68
CA VAL A 66 11.53 6.07 -42.02
C VAL A 66 10.67 4.93 -42.53
N TYR A 67 9.34 5.16 -42.61
CA TYR A 67 8.45 4.15 -43.14
C TYR A 67 8.76 3.85 -44.61
N ASP A 68 9.05 4.88 -45.39
CA ASP A 68 9.43 4.65 -46.78
C ASP A 68 10.68 3.78 -46.85
N TYR A 69 11.62 3.98 -45.91
CA TYR A 69 12.83 3.18 -45.91
C TYR A 69 12.52 1.74 -45.48
N MET A 70 11.60 1.56 -44.53
CA MET A 70 11.12 0.21 -44.24
C MET A 70 10.61 -0.45 -45.51
N GLY A 71 9.85 0.31 -46.30
CA GLY A 71 9.34 -0.23 -47.56
C GLY A 71 10.45 -0.58 -48.52
N ALA A 72 11.45 0.31 -48.66
CA ALA A 72 12.56 0.04 -49.56
C ALA A 72 13.36 -1.19 -49.12
N CYS A 73 13.43 -1.42 -47.81
CA CYS A 73 14.14 -2.57 -47.26
C CYS A 73 13.31 -3.85 -47.32
N LYS A 74 12.03 -3.75 -47.69
CA LYS A 74 11.10 -4.89 -47.71
C LYS A 74 10.93 -5.47 -46.31
N LEU A 75 10.86 -4.59 -45.31
CA LEU A 75 10.45 -5.01 -43.98
C LEU A 75 9.09 -5.70 -44.07
N LYS A 76 8.93 -6.78 -43.30
CA LYS A 76 7.70 -7.55 -43.35
C LYS A 76 6.73 -7.25 -42.20
N VAL A 77 7.22 -6.85 -41.03
CA VAL A 77 6.33 -6.66 -39.90
C VAL A 77 6.97 -5.67 -38.94
N LEU A 78 6.13 -4.79 -38.38
CA LEU A 78 6.46 -3.94 -37.25
C LEU A 78 5.68 -4.48 -36.05
N SER A 79 6.39 -4.85 -35.00
CA SER A 79 5.80 -5.45 -33.80
C SER A 79 6.07 -4.50 -32.65
N THR A 80 5.01 -3.94 -32.08
CA THR A 80 5.20 -3.11 -30.90
C THR A 80 5.16 -3.98 -29.64
N ARG A 81 5.84 -3.51 -28.60
CA ARG A 81 5.90 -4.19 -27.31
C ARG A 81 4.78 -3.73 -26.38
N THR A 82 3.88 -2.89 -26.88
CA THR A 82 2.81 -2.26 -26.12
C THR A 82 1.46 -2.73 -26.64
N ALA A 83 0.42 -2.47 -25.84
CA ALA A 83 -0.94 -2.72 -26.28
C ALA A 83 -1.37 -1.67 -27.29
N GLY A 84 -1.02 -0.41 -27.05
CA GLY A 84 -1.33 0.63 -27.99
C GLY A 84 -0.45 0.57 -29.23
N PHE A 85 -1.02 0.98 -30.35
CA PHE A 85 -0.29 0.98 -31.61
C PHE A 85 -0.63 2.20 -32.46
N ASP A 86 -1.43 3.13 -31.95
CA ASP A 86 -1.75 4.32 -32.73
C ASP A 86 -0.58 5.32 -32.81
N MET A 87 0.53 5.05 -32.12
CA MET A 87 1.71 5.88 -32.24
C MET A 87 2.52 5.56 -33.49
N TYR A 88 2.12 4.55 -34.27
CA TYR A 88 2.77 4.19 -35.52
C TYR A 88 1.86 4.52 -36.69
N ASN A 89 2.47 4.70 -37.85
CA ASN A 89 1.78 5.19 -39.04
C ASN A 89 1.19 4.01 -39.81
N ALA A 90 -0.06 3.67 -39.47
CA ALA A 90 -0.71 2.54 -40.14
C ALA A 90 -0.87 2.79 -41.64
N THR A 91 -1.07 4.04 -42.03
CA THR A 91 -1.23 4.35 -43.45
C THR A 91 -0.02 3.90 -44.25
N LEU A 92 1.17 4.25 -43.78
CA LEU A 92 2.38 3.94 -44.53
C LEU A 92 2.77 2.46 -44.37
N LEU A 93 2.52 1.87 -43.20
CA LEU A 93 2.71 0.43 -43.07
C LEU A 93 1.90 -0.33 -44.13
N LYS A 94 0.61 -0.01 -44.24
CA LYS A 94 -0.24 -0.70 -45.20
C LYS A 94 0.24 -0.44 -46.63
N LYS A 95 0.61 0.79 -46.93
CA LYS A 95 1.03 1.14 -48.28
C LYS A 95 2.22 0.30 -48.72
N HIS A 96 3.14 0.02 -47.81
CA HIS A 96 4.35 -0.72 -48.12
C HIS A 96 4.23 -2.21 -47.86
N GLY A 97 3.02 -2.69 -47.59
CA GLY A 97 2.81 -4.11 -47.35
C GLY A 97 3.41 -4.61 -46.06
N ILE A 98 3.55 -3.75 -45.06
CA ILE A 98 4.15 -4.10 -43.77
C ILE A 98 3.03 -4.43 -42.79
N ARG A 99 3.14 -5.56 -42.13
N ARG A 99 3.14 -5.58 -42.14
CA ARG A 99 2.15 -5.99 -41.17
CA ARG A 99 2.15 -6.02 -41.17
C ARG A 99 2.47 -5.44 -39.79
C ARG A 99 2.46 -5.43 -39.81
N LEU A 100 1.50 -5.53 -38.89
CA LEU A 100 1.57 -4.90 -37.57
C LEU A 100 1.09 -5.85 -36.51
N THR A 101 1.84 -5.95 -35.41
CA THR A 101 1.41 -6.72 -34.25
C THR A 101 1.59 -5.87 -33.00
N ASN A 102 0.83 -6.22 -31.95
CA ASN A 102 1.00 -5.57 -30.65
C ASN A 102 1.14 -6.60 -29.54
N VAL A 103 1.06 -6.13 -28.29
CA VAL A 103 1.04 -7.01 -27.11
C VAL A 103 -0.20 -6.59 -26.32
N PRO A 104 -1.32 -7.30 -26.45
CA PRO A 104 -2.57 -6.77 -25.87
C PRO A 104 -2.60 -6.76 -24.36
N SER A 105 -1.83 -7.62 -23.69
CA SER A 105 -1.87 -7.74 -22.25
C SER A 105 -0.47 -8.08 -21.75
N TYR A 106 -0.04 -7.41 -20.68
CA TYR A 106 1.27 -7.67 -20.10
C TYR A 106 1.16 -8.35 -18.74
N SER A 107 0.45 -7.74 -17.82
CA SER A 107 0.22 -8.30 -16.50
C SER A 107 -0.98 -7.59 -15.88
N PRO A 108 -2.19 -8.13 -16.04
CA PRO A 108 -3.34 -7.50 -15.37
C PRO A 108 -3.11 -7.37 -13.87
N ASN A 109 -2.44 -8.34 -13.27
CA ASN A 109 -2.18 -8.30 -11.83
C ASN A 109 -1.33 -7.10 -11.44
N ALA A 110 -0.35 -6.73 -12.27
CA ALA A 110 0.48 -5.57 -11.97
C ALA A 110 -0.38 -4.35 -11.71
N ILE A 111 -1.36 -4.13 -12.58
CA ILE A 111 -2.18 -2.92 -12.52
C ILE A 111 -3.17 -3.01 -11.38
N GLY A 112 -3.81 -4.16 -11.21
CA GLY A 112 -4.67 -4.34 -10.05
C GLY A 112 -3.92 -4.17 -8.74
N GLU A 113 -2.69 -4.69 -8.68
CA GLU A 113 -1.88 -4.55 -7.48
C GLU A 113 -1.55 -3.09 -7.21
N TYR A 114 -1.21 -2.34 -8.26
CA TYR A 114 -0.96 -0.92 -8.05
C TYR A 114 -2.22 -0.21 -7.54
N ALA A 115 -3.38 -0.57 -8.09
CA ALA A 115 -4.63 0.05 -7.63
C ALA A 115 -4.85 -0.20 -6.15
N LEU A 116 -4.58 -1.44 -5.69
CA LEU A 116 -4.70 -1.76 -4.27
C LEU A 116 -3.65 -1.01 -3.45
N ALA A 117 -2.40 -1.00 -3.92
CA ALA A 117 -1.33 -0.29 -3.21
C ALA A 117 -1.65 1.18 -3.03
N ALA A 118 -2.11 1.82 -4.11
CA ALA A 118 -2.46 3.23 -4.04
C ALA A 118 -3.67 3.47 -3.15
N ALA A 119 -4.68 2.57 -3.25
CA ALA A 119 -5.84 2.70 -2.38
C ALA A 119 -5.43 2.64 -0.91
N LEU A 120 -4.51 1.73 -0.58
CA LEU A 120 -4.05 1.62 0.81
C LEU A 120 -3.20 2.81 1.23
N GLN A 121 -2.43 3.40 0.32
CA GLN A 121 -1.78 4.66 0.67
C GLN A 121 -2.80 5.71 1.08
N LEU A 122 -3.95 5.74 0.41
CA LEU A 122 -5.00 6.70 0.72
C LEU A 122 -5.72 6.32 2.00
N THR A 123 -6.21 5.09 2.10
CA THR A 123 -7.07 4.75 3.23
C THR A 123 -6.29 4.66 4.53
N ARG A 124 -5.00 4.35 4.47
CA ARG A 124 -4.14 4.31 5.65
C ARG A 124 -3.40 5.63 5.87
N HIS A 125 -3.76 6.67 5.14
CA HIS A 125 -3.29 8.03 5.43
C HIS A 125 -1.77 8.17 5.36
N ALA A 126 -1.14 7.50 4.39
CA ALA A 126 0.32 7.49 4.36
C ALA A 126 0.90 8.89 4.26
N ARG A 127 0.37 9.72 3.35
CA ARG A 127 0.96 11.04 3.15
C ARG A 127 0.72 11.94 4.35
N GLU A 128 -0.49 11.89 4.93
N GLU A 128 -0.48 11.89 4.94
CA GLU A 128 -0.78 12.71 6.09
CA GLU A 128 -0.75 12.75 6.09
C GLU A 128 0.08 12.31 7.28
C GLU A 128 0.09 12.33 7.29
N ILE A 129 0.30 11.02 7.47
CA ILE A 129 1.18 10.56 8.54
C ILE A 129 2.60 11.08 8.28
N GLU A 130 3.07 11.01 7.03
CA GLU A 130 4.39 11.51 6.71
C GLU A 130 4.52 12.98 7.05
N THR A 131 3.50 13.78 6.73
CA THR A 131 3.52 15.19 7.05
C THR A 131 3.68 15.40 8.54
N PHE A 132 2.90 14.68 9.35
CA PHE A 132 3.02 14.80 10.79
C PHE A 132 4.39 14.32 11.28
N VAL A 133 4.86 13.18 10.76
CA VAL A 133 6.15 12.64 11.19
C VAL A 133 7.27 13.63 10.93
N ARG A 134 7.23 14.29 9.77
CA ARG A 134 8.30 15.24 9.43
C ARG A 134 8.35 16.39 10.43
N LYS A 135 7.22 16.75 11.04
CA LYS A 135 7.13 17.77 12.09
C LYS A 135 7.31 17.18 13.49
N ARG A 136 7.58 15.89 13.59
CA ARG A 136 7.76 15.17 14.87
C ARG A 136 6.48 15.16 15.69
N ASP A 137 5.33 15.26 15.03
CA ASP A 137 4.02 15.13 15.66
C ASP A 137 3.63 13.67 15.60
N PHE A 138 3.87 12.94 16.70
CA PHE A 138 3.67 11.51 16.75
C PHE A 138 2.38 11.13 17.49
N ARG A 139 1.39 12.01 17.47
CA ARG A 139 0.15 11.74 18.17
C ARG A 139 -0.72 10.73 17.43
N TRP A 140 -1.51 9.99 18.22
CA TRP A 140 -2.61 9.18 17.71
C TRP A 140 -3.81 10.11 17.66
N GLN A 141 -4.03 10.69 16.47
CA GLN A 141 -4.99 11.76 16.30
C GLN A 141 -5.93 11.48 15.14
N LYS A 142 -7.18 11.92 15.29
CA LYS A 142 -8.25 11.60 14.36
C LYS A 142 -7.91 11.83 12.90
N PRO A 143 -7.19 12.88 12.51
CA PRO A 143 -6.89 13.06 11.08
C PRO A 143 -6.17 11.89 10.43
N ILE A 144 -5.51 11.03 11.20
CA ILE A 144 -4.82 9.88 10.63
C ILE A 144 -5.47 8.55 11.03
N LEU A 145 -6.65 8.60 11.66
CA LEU A 145 -7.39 7.38 11.95
C LEU A 145 -7.93 6.79 10.66
N SER A 146 -7.82 5.47 10.51
CA SER A 146 -8.17 4.80 9.26
C SER A 146 -9.38 3.88 9.40
N LYS A 147 -10.01 3.61 8.26
N LYS A 147 -10.02 3.61 8.27
CA LYS A 147 -11.05 2.60 8.11
CA LYS A 147 -11.05 2.60 8.15
C LYS A 147 -10.45 1.42 7.35
C LYS A 147 -10.46 1.42 7.36
N GLU A 148 -10.54 0.23 7.94
CA GLU A 148 -10.00 -0.96 7.29
C GLU A 148 -10.77 -1.28 6.02
N LEU A 149 -10.06 -1.81 5.02
CA LEU A 149 -10.74 -2.19 3.79
C LEU A 149 -11.79 -3.28 4.03
N ARG A 150 -11.59 -4.14 5.04
CA ARG A 150 -12.60 -5.16 5.31
C ARG A 150 -13.91 -4.57 5.83
N CYS A 151 -13.91 -3.30 6.23
CA CYS A 151 -15.12 -2.61 6.65
C CYS A 151 -15.60 -1.64 5.58
N SER A 152 -15.09 -1.76 4.35
CA SER A 152 -15.35 -0.80 3.31
C SER A 152 -15.98 -1.46 2.09
N ARG A 153 -16.63 -0.63 1.28
CA ARG A 153 -17.10 -1.02 -0.05
C ARG A 153 -16.18 -0.38 -1.08
N VAL A 154 -15.68 -1.20 -2.00
CA VAL A 154 -14.86 -0.75 -3.11
C VAL A 154 -15.64 -0.92 -4.39
N GLY A 155 -15.72 0.14 -5.19
CA GLY A 155 -16.40 0.13 -6.47
C GLY A 155 -15.43 0.06 -7.63
N ILE A 156 -15.62 -0.95 -8.47
CA ILE A 156 -14.79 -1.23 -9.64
C ILE A 156 -15.58 -0.80 -10.87
N LEU A 157 -15.06 0.18 -11.60
CA LEU A 157 -15.69 0.66 -12.83
C LEU A 157 -14.93 0.04 -14.01
N GLY A 158 -15.57 -0.94 -14.65
CA GLY A 158 -14.93 -1.68 -15.73
C GLY A 158 -14.49 -3.04 -15.25
N THR A 159 -15.00 -4.10 -15.87
CA THR A 159 -14.78 -5.46 -15.39
C THR A 159 -14.16 -6.38 -16.45
N GLY A 160 -13.29 -5.84 -17.29
CA GLY A 160 -12.41 -6.66 -18.10
C GLY A 160 -11.34 -7.30 -17.22
N ARG A 161 -10.31 -7.86 -17.87
CA ARG A 161 -9.30 -8.62 -17.14
C ARG A 161 -8.65 -7.77 -16.04
N ILE A 162 -8.36 -6.49 -16.32
CA ILE A 162 -7.68 -5.68 -15.31
C ILE A 162 -8.61 -5.36 -14.14
N GLY A 163 -9.84 -4.94 -14.44
CA GLY A 163 -10.81 -4.70 -13.39
C GLY A 163 -11.06 -5.94 -12.53
N GLN A 164 -11.06 -7.12 -13.17
CA GLN A 164 -11.21 -8.35 -12.42
C GLN A 164 -10.02 -8.62 -11.51
N ALA A 165 -8.80 -8.34 -11.98
CA ALA A 165 -7.62 -8.48 -11.14
C ALA A 165 -7.72 -7.56 -9.92
N ALA A 166 -8.10 -6.31 -10.14
CA ALA A 166 -8.29 -5.39 -9.03
C ALA A 166 -9.37 -5.90 -8.07
N ALA A 167 -10.52 -6.32 -8.61
CA ALA A 167 -11.60 -6.81 -7.75
C ALA A 167 -11.13 -7.98 -6.90
N ARG A 168 -10.42 -8.93 -7.52
CA ARG A 168 -9.89 -10.07 -6.81
C ARG A 168 -8.99 -9.65 -5.66
N LEU A 169 -8.13 -8.66 -5.89
CA LEU A 169 -7.19 -8.20 -4.87
C LEU A 169 -7.90 -7.47 -3.74
N PHE A 170 -8.86 -6.60 -4.07
CA PHE A 170 -9.63 -5.94 -3.02
C PHE A 170 -10.45 -6.94 -2.20
N LYS A 171 -11.06 -7.93 -2.86
CA LYS A 171 -11.76 -8.96 -2.10
C LYS A 171 -10.78 -9.76 -1.25
N GLY A 172 -9.57 -9.99 -1.76
CA GLY A 172 -8.57 -10.74 -1.05
C GLY A 172 -8.10 -10.10 0.24
N VAL A 173 -8.27 -8.78 0.38
CA VAL A 173 -7.96 -8.09 1.62
C VAL A 173 -9.22 -7.83 2.44
N GLY A 174 -10.37 -8.36 2.02
CA GLY A 174 -11.58 -8.37 2.80
C GLY A 174 -12.64 -7.35 2.42
N ALA A 175 -12.40 -6.54 1.40
CA ALA A 175 -13.36 -5.51 1.03
C ALA A 175 -14.60 -6.14 0.42
N GLN A 176 -15.73 -5.46 0.59
CA GLN A 176 -16.94 -5.75 -0.17
C GLN A 176 -16.82 -5.04 -1.51
N VAL A 177 -16.78 -5.79 -2.61
CA VAL A 177 -16.52 -5.22 -3.92
C VAL A 177 -17.81 -5.21 -4.74
N VAL A 178 -18.12 -4.05 -5.33
CA VAL A 178 -19.21 -3.93 -6.29
C VAL A 178 -18.60 -3.47 -7.61
N GLY A 179 -19.30 -3.77 -8.71
CA GLY A 179 -18.80 -3.43 -10.02
C GLY A 179 -19.89 -2.89 -10.92
N PHE A 180 -19.44 -2.13 -11.92
CA PHE A 180 -20.31 -1.68 -12.98
C PHE A 180 -19.57 -1.86 -14.30
N ASP A 181 -20.28 -2.36 -15.30
CA ASP A 181 -19.74 -2.45 -16.66
C ASP A 181 -20.92 -2.48 -17.61
N PRO A 182 -20.77 -1.90 -18.81
CA PRO A 182 -21.86 -2.02 -19.80
C PRO A 182 -22.13 -3.44 -20.25
N TYR A 183 -21.16 -4.35 -20.11
N TYR A 183 -21.23 -4.38 -19.99
CA TYR A 183 -21.32 -5.77 -20.42
CA TYR A 183 -21.42 -5.76 -20.42
C TYR A 183 -20.85 -6.60 -19.23
C TYR A 183 -20.93 -6.69 -19.31
N PRO A 184 -21.70 -6.81 -18.23
CA PRO A 184 -21.29 -7.66 -17.11
C PRO A 184 -20.95 -9.06 -17.58
N ASN A 185 -19.99 -9.68 -16.89
CA ASN A 185 -19.58 -11.04 -17.23
C ASN A 185 -19.59 -11.92 -15.98
N ASP A 186 -19.70 -13.23 -16.21
CA ASP A 186 -19.84 -14.16 -15.11
C ASP A 186 -18.55 -14.32 -14.32
N ALA A 187 -17.40 -14.22 -14.99
CA ALA A 187 -16.14 -14.42 -14.28
C ALA A 187 -15.97 -13.40 -13.17
N ALA A 188 -16.35 -12.14 -13.42
CA ALA A 188 -16.15 -11.09 -12.43
C ALA A 188 -16.98 -11.33 -11.18
N LYS A 189 -18.09 -12.06 -11.29
CA LYS A 189 -18.95 -12.32 -10.14
C LYS A 189 -18.26 -13.18 -9.08
N GLU A 190 -17.12 -13.79 -9.38
CA GLU A 190 -16.36 -14.47 -8.35
C GLU A 190 -15.88 -13.48 -7.28
N TRP A 191 -15.66 -12.23 -7.67
CA TRP A 191 -15.02 -11.26 -6.79
C TRP A 191 -15.89 -10.06 -6.44
N LEU A 192 -16.98 -9.80 -7.17
CA LEU A 192 -17.78 -8.61 -6.95
C LEU A 192 -19.24 -8.88 -7.26
N THR A 193 -20.08 -7.94 -6.83
CA THR A 193 -21.50 -7.91 -7.17
C THR A 193 -21.74 -6.74 -8.11
N TYR A 194 -22.41 -7.00 -9.24
CA TYR A 194 -22.74 -5.92 -10.15
C TYR A 194 -23.87 -5.09 -9.59
N VAL A 195 -23.73 -3.77 -9.73
CA VAL A 195 -24.71 -2.80 -9.27
C VAL A 195 -24.85 -1.70 -10.33
N SER A 196 -25.88 -0.87 -10.16
CA SER A 196 -26.06 0.27 -11.03
C SER A 196 -24.96 1.30 -10.81
N MET A 197 -24.80 2.17 -11.81
CA MET A 197 -23.86 3.27 -11.68
C MET A 197 -24.18 4.12 -10.46
N ASP A 198 -25.47 4.46 -10.30
CA ASP A 198 -25.88 5.27 -9.15
C ASP A 198 -25.48 4.60 -7.84
N GLU A 199 -25.73 3.29 -7.72
CA GLU A 199 -25.39 2.61 -6.47
C GLU A 199 -23.87 2.61 -6.24
N LEU A 200 -23.11 2.28 -7.28
CA LEU A 200 -21.65 2.26 -7.12
C LEU A 200 -21.14 3.62 -6.68
N LEU A 201 -21.58 4.68 -7.36
CA LEU A 201 -21.07 6.00 -7.04
C LEU A 201 -21.45 6.42 -5.62
N SER A 202 -22.70 6.18 -5.22
CA SER A 202 -23.17 6.76 -3.96
C SER A 202 -22.78 5.96 -2.73
N THR A 203 -22.33 4.71 -2.88
CA THR A 203 -22.07 3.86 -1.72
C THR A 203 -20.62 3.43 -1.55
N SER A 204 -19.73 3.70 -2.51
CA SER A 204 -18.37 3.19 -2.41
C SER A 204 -17.49 4.11 -1.57
N ASP A 205 -16.68 3.49 -0.70
CA ASP A 205 -15.67 4.22 0.04
C ASP A 205 -14.43 4.49 -0.79
N VAL A 206 -14.12 3.58 -1.71
CA VAL A 206 -13.01 3.68 -2.65
C VAL A 206 -13.58 3.33 -4.02
N ILE A 207 -13.25 4.14 -5.03
CA ILE A 207 -13.63 3.85 -6.40
C ILE A 207 -12.37 3.72 -7.22
N SER A 208 -12.25 2.62 -7.97
CA SER A 208 -11.08 2.36 -8.80
C SER A 208 -11.53 2.15 -10.24
N LEU A 209 -10.91 2.90 -11.16
CA LEU A 209 -11.30 2.92 -12.56
C LEU A 209 -10.49 1.95 -13.40
N HIS A 210 -11.21 1.17 -14.22
CA HIS A 210 -10.62 0.10 -15.01
C HIS A 210 -11.33 -0.03 -16.34
N MET A 211 -11.78 1.09 -16.91
N MET A 211 -11.76 1.08 -16.90
CA MET A 211 -12.51 1.12 -18.17
CA MET A 211 -12.45 1.01 -18.17
C MET A 211 -11.56 1.36 -19.33
C MET A 211 -11.53 1.35 -19.34
N PRO A 212 -11.70 0.67 -20.47
CA PRO A 212 -10.95 1.06 -21.67
C PRO A 212 -11.52 2.34 -22.25
N ALA A 213 -10.80 2.87 -23.23
CA ALA A 213 -11.16 4.14 -23.85
C ALA A 213 -12.25 3.89 -24.88
N THR A 214 -13.46 4.36 -24.60
CA THR A 214 -14.54 4.31 -25.55
C THR A 214 -15.33 5.62 -25.45
N LYS A 215 -16.25 5.78 -26.39
CA LYS A 215 -17.14 6.93 -26.34
C LYS A 215 -17.89 6.98 -25.02
N ASP A 216 -18.12 5.83 -24.41
CA ASP A 216 -18.95 5.74 -23.21
C ASP A 216 -18.17 5.79 -21.91
N SER A 217 -16.86 5.64 -21.93
CA SER A 217 -16.06 5.86 -20.74
C SER A 217 -15.48 7.27 -20.69
N HIS A 218 -15.56 8.00 -21.79
CA HIS A 218 -15.00 9.34 -21.84
C HIS A 218 -15.64 10.26 -20.81
N HIS A 219 -14.82 10.82 -19.94
CA HIS A 219 -15.29 11.73 -18.89
C HIS A 219 -16.44 11.13 -18.09
N LEU A 220 -16.36 9.83 -17.82
CA LEU A 220 -17.34 9.18 -16.97
C LEU A 220 -17.35 9.79 -15.59
N ILE A 221 -16.16 10.12 -15.09
CA ILE A 221 -15.99 10.82 -13.82
C ILE A 221 -15.95 12.31 -14.14
N ASN A 222 -16.97 13.03 -13.73
CA ASN A 222 -17.16 14.43 -14.11
C ASN A 222 -17.86 15.11 -12.94
N ALA A 223 -18.18 16.40 -13.09
CA ALA A 223 -18.74 17.12 -11.95
C ALA A 223 -20.01 16.46 -11.45
N LYS A 224 -20.85 15.97 -12.36
CA LYS A 224 -22.12 15.37 -11.97
C LYS A 224 -21.93 14.06 -11.24
N THR A 225 -21.09 13.17 -11.78
CA THR A 225 -20.91 11.87 -11.14
C THR A 225 -20.10 12.00 -9.84
N ILE A 226 -19.15 12.93 -9.78
CA ILE A 226 -18.46 13.16 -8.52
C ILE A 226 -19.42 13.63 -7.45
N ALA A 227 -20.37 14.50 -7.83
CA ALA A 227 -21.34 15.00 -6.85
C ALA A 227 -22.17 13.88 -6.24
N GLN A 228 -22.33 12.77 -6.97
CA GLN A 228 -23.08 11.63 -6.45
C GLN A 228 -22.28 10.78 -5.45
N MET A 229 -20.97 10.98 -5.38
CA MET A 229 -20.13 10.13 -4.55
C MET A 229 -20.32 10.45 -3.07
N LYS A 230 -19.85 9.53 -2.22
CA LYS A 230 -19.79 9.79 -0.79
C LYS A 230 -18.82 10.93 -0.48
N ASP A 231 -19.19 11.77 0.48
CA ASP A 231 -18.23 12.73 1.00
C ASP A 231 -17.04 11.96 1.56
N GLY A 232 -15.85 12.37 1.16
CA GLY A 232 -14.66 11.71 1.65
C GLY A 232 -14.24 10.48 0.90
N VAL A 233 -14.86 10.20 -0.26
CA VAL A 233 -14.45 9.08 -1.08
C VAL A 233 -12.99 9.20 -1.49
N TYR A 234 -12.37 8.05 -1.75
CA TYR A 234 -11.03 7.99 -2.34
C TYR A 234 -11.17 7.43 -3.76
N LEU A 235 -10.43 8.03 -4.71
CA LEU A 235 -10.52 7.66 -6.11
C LEU A 235 -9.16 7.24 -6.65
N VAL A 236 -9.13 6.12 -7.37
CA VAL A 236 -7.91 5.60 -7.99
C VAL A 236 -8.14 5.49 -9.49
N ASN A 237 -7.21 6.03 -10.29
CA ASN A 237 -7.26 5.86 -11.74
C ASN A 237 -5.97 5.26 -12.28
N THR A 238 -6.01 3.97 -12.58
CA THR A 238 -4.98 3.28 -13.34
C THR A 238 -5.39 3.03 -14.78
N ALA A 239 -6.61 3.44 -15.16
CA ALA A 239 -7.08 3.37 -16.54
C ALA A 239 -6.53 4.58 -17.30
N ARG A 240 -7.00 4.81 -18.50
CA ARG A 240 -6.51 5.98 -19.23
C ARG A 240 -7.08 7.26 -18.61
N GLY A 241 -6.39 8.36 -18.86
CA GLY A 241 -6.76 9.60 -18.24
C GLY A 241 -8.08 10.16 -18.71
N ALA A 242 -8.49 9.81 -19.94
CA ALA A 242 -9.71 10.38 -20.50
C ALA A 242 -10.97 9.96 -19.74
N VAL A 243 -10.89 8.95 -18.86
N VAL A 243 -10.90 8.96 -18.86
CA VAL A 243 -12.05 8.57 -18.07
CA VAL A 243 -12.09 8.60 -18.09
C VAL A 243 -12.45 9.66 -17.06
C VAL A 243 -12.45 9.65 -17.05
N ILE A 244 -11.54 10.58 -16.74
CA ILE A 244 -11.79 11.66 -15.78
C ILE A 244 -11.73 13.02 -16.47
N ASP A 245 -12.74 13.85 -16.23
CA ASP A 245 -12.71 15.28 -16.54
C ASP A 245 -11.84 15.94 -15.47
N SER A 246 -10.58 16.22 -15.82
CA SER A 246 -9.57 16.50 -14.79
C SER A 246 -9.91 17.73 -13.95
N GLN A 247 -10.42 18.80 -14.56
CA GLN A 247 -10.71 20.00 -13.78
C GLN A 247 -11.80 19.73 -12.75
N ALA A 248 -12.80 18.91 -13.11
CA ALA A 248 -13.84 18.56 -12.15
C ALA A 248 -13.23 17.83 -10.95
N LEU A 249 -12.28 16.94 -11.20
CA LEU A 249 -11.59 16.27 -10.10
C LEU A 249 -10.83 17.27 -9.23
N LEU A 250 -10.06 18.17 -9.87
CA LEU A 250 -9.33 19.16 -9.09
C LEU A 250 -10.27 19.98 -8.21
N ASP A 251 -11.40 20.44 -8.79
CA ASP A 251 -12.35 21.23 -8.02
C ASP A 251 -12.85 20.44 -6.81
N SER A 252 -13.15 19.16 -7.02
N SER A 252 -13.14 19.17 -7.00
CA SER A 252 -13.71 18.34 -5.94
CA SER A 252 -13.72 18.37 -5.92
C SER A 252 -12.68 18.05 -4.86
C SER A 252 -12.68 18.03 -4.85
N LEU A 253 -11.39 17.95 -5.23
CA LEU A 253 -10.35 17.80 -4.23
C LEU A 253 -10.16 19.09 -3.45
N ASP A 254 -10.19 20.22 -4.15
CA ASP A 254 -10.02 21.51 -3.49
C ASP A 254 -11.15 21.77 -2.50
N LYS A 255 -12.37 21.32 -2.83
CA LYS A 255 -13.52 21.56 -1.97
C LYS A 255 -13.63 20.53 -0.85
N GLY A 256 -12.92 19.41 -0.96
CA GLY A 256 -12.94 18.39 0.07
C GLY A 256 -13.99 17.31 -0.14
N LYS A 257 -14.66 17.29 -1.29
CA LYS A 257 -15.61 16.24 -1.62
C LYS A 257 -14.92 14.89 -1.76
N ILE A 258 -13.84 14.86 -2.54
CA ILE A 258 -12.99 13.70 -2.67
C ILE A 258 -11.83 13.91 -1.71
N ALA A 259 -11.62 12.96 -0.79
CA ALA A 259 -10.58 13.13 0.23
C ALA A 259 -9.19 12.95 -0.33
N GLY A 260 -9.04 12.19 -1.40
CA GLY A 260 -7.75 11.97 -2.01
C GLY A 260 -7.91 11.13 -3.26
N ALA A 261 -6.95 11.27 -4.17
CA ALA A 261 -6.97 10.49 -5.39
C ALA A 261 -5.56 10.01 -5.67
N ALA A 262 -5.47 8.85 -6.32
CA ALA A 262 -4.23 8.35 -6.89
C ALA A 262 -4.43 8.27 -8.38
N LEU A 263 -3.68 9.07 -9.13
CA LEU A 263 -3.78 9.12 -10.58
C LEU A 263 -2.48 8.64 -11.18
N ASP A 264 -2.55 7.56 -11.93
CA ASP A 264 -1.43 7.04 -12.69
C ASP A 264 -1.48 7.54 -14.13
N ALA A 265 -2.50 8.30 -14.50
CA ALA A 265 -2.71 8.75 -15.86
C ALA A 265 -3.36 10.12 -15.83
N TYR A 266 -3.12 10.88 -16.90
CA TYR A 266 -3.80 12.15 -17.14
C TYR A 266 -4.21 12.16 -18.61
N GLU A 267 -5.40 12.71 -18.87
CA GLU A 267 -5.97 12.64 -20.22
C GLU A 267 -5.02 13.14 -21.29
N PHE A 268 -4.31 14.22 -21.03
CA PHE A 268 -3.43 14.85 -22.02
C PHE A 268 -1.96 14.73 -21.62
N GLU A 269 -1.57 13.58 -21.09
CA GLU A 269 -0.20 13.38 -20.65
C GLU A 269 0.79 13.18 -21.79
N GLY A 270 0.32 13.04 -23.03
CA GLY A 270 1.18 12.68 -24.14
C GLY A 270 2.47 13.46 -24.29
N PRO A 271 2.46 14.78 -24.12
CA PRO A 271 3.71 15.54 -24.32
C PRO A 271 4.79 15.22 -23.29
N TYR A 272 4.44 14.56 -22.20
CA TYR A 272 5.29 14.49 -21.02
C TYR A 272 5.59 13.09 -20.55
N ILE A 273 4.88 12.08 -21.01
CA ILE A 273 5.02 10.70 -20.54
C ILE A 273 5.60 9.87 -21.68
N PRO A 274 6.63 9.03 -21.43
CA PRO A 274 7.42 8.87 -20.19
C PRO A 274 8.79 9.53 -20.36
N LYS A 275 8.85 10.83 -20.13
CA LYS A 275 10.03 11.61 -20.43
C LYS A 275 10.54 12.31 -19.18
N ASP A 276 11.83 12.64 -19.20
CA ASP A 276 12.41 13.50 -18.17
C ASP A 276 12.12 14.94 -18.56
N ASN A 277 11.25 15.60 -17.79
CA ASN A 277 10.82 16.96 -18.08
C ASN A 277 11.50 17.98 -17.17
N GLY A 278 12.63 17.62 -16.57
CA GLY A 278 13.32 18.56 -15.71
C GLY A 278 13.64 19.88 -16.37
N ASN A 279 13.89 19.88 -17.68
CA ASN A 279 14.13 21.10 -18.44
C ASN A 279 13.11 21.25 -19.56
N ASN A 280 11.88 20.79 -19.31
CA ASN A 280 10.79 20.85 -20.28
C ASN A 280 9.55 21.27 -19.52
N PRO A 281 9.30 22.57 -19.42
CA PRO A 281 8.19 23.04 -18.57
C PRO A 281 6.85 22.46 -19.01
N ILE A 282 6.04 22.09 -18.03
CA ILE A 282 4.67 21.71 -18.32
C ILE A 282 3.89 22.98 -18.62
N THR A 283 3.40 23.09 -19.85
CA THR A 283 2.66 24.27 -20.29
C THR A 283 1.15 24.06 -20.24
N ASP A 284 0.71 22.87 -19.87
CA ASP A 284 -0.69 22.54 -19.63
C ASP A 284 -0.95 22.81 -18.16
N THR A 285 -1.66 23.90 -17.86
CA THR A 285 -1.79 24.33 -16.47
C THR A 285 -2.62 23.36 -15.65
N VAL A 286 -3.59 22.67 -16.28
CA VAL A 286 -4.34 21.63 -15.57
C VAL A 286 -3.41 20.51 -15.12
N TYR A 287 -2.59 20.01 -16.03
CA TYR A 287 -1.66 18.95 -15.66
C TYR A 287 -0.68 19.43 -14.60
N ALA A 288 -0.19 20.67 -14.73
CA ALA A 288 0.76 21.18 -13.74
C ALA A 288 0.14 21.20 -12.35
N ARG A 289 -1.15 21.57 -12.23
N ARG A 289 -1.17 21.50 -12.25
CA ARG A 289 -1.77 21.56 -10.92
CA ARG A 289 -1.86 21.43 -10.97
C ARG A 289 -2.04 20.14 -10.45
C ARG A 289 -2.00 19.98 -10.50
N LEU A 290 -2.30 19.22 -11.38
N LEU A 290 -2.45 19.10 -11.39
CA LEU A 290 -2.61 17.84 -11.03
CA LEU A 290 -2.63 17.71 -11.01
C LEU A 290 -1.38 17.12 -10.47
C LEU A 290 -1.35 17.13 -10.41
N VAL A 291 -0.23 17.28 -11.11
CA VAL A 291 0.97 16.57 -10.68
C VAL A 291 1.47 17.06 -9.32
N ALA A 292 1.17 18.31 -8.98
CA ALA A 292 1.65 18.94 -7.76
C ALA A 292 0.64 18.90 -6.62
N HIS A 293 -0.57 18.43 -6.84
CA HIS A 293 -1.63 18.58 -5.85
C HIS A 293 -1.33 17.76 -4.60
N GLU A 294 -1.50 18.38 -3.43
CA GLU A 294 -1.22 17.70 -2.18
C GLU A 294 -2.15 16.52 -1.93
N ARG A 295 -3.34 16.50 -2.54
CA ARG A 295 -4.29 15.42 -2.32
C ARG A 295 -4.29 14.40 -3.44
N ILE A 296 -3.32 14.47 -4.35
CA ILE A 296 -3.18 13.50 -5.44
C ILE A 296 -1.84 12.79 -5.28
N ILE A 297 -1.89 11.46 -5.32
CA ILE A 297 -0.68 10.65 -5.48
C ILE A 297 -0.54 10.46 -6.99
N TYR A 298 0.32 11.26 -7.60
CA TYR A 298 0.48 11.27 -9.05
C TYR A 298 1.68 10.38 -9.40
N THR A 299 1.47 9.43 -10.30
CA THR A 299 2.54 8.58 -10.78
C THR A 299 2.55 8.54 -12.30
N PRO A 300 3.74 8.37 -12.90
CA PRO A 300 3.88 8.57 -14.36
C PRO A 300 3.58 7.31 -15.18
N HIS A 301 2.37 6.79 -15.03
CA HIS A 301 1.87 5.70 -15.87
C HIS A 301 2.73 4.45 -15.65
N ILE A 302 2.90 4.08 -14.37
CA ILE A 302 3.73 2.96 -13.97
C ILE A 302 2.95 1.82 -13.32
N ALA A 303 1.62 1.82 -13.37
CA ALA A 303 0.89 0.71 -12.77
C ALA A 303 1.32 -0.61 -13.39
N PHE A 304 1.61 -0.61 -14.69
CA PHE A 304 2.02 -1.82 -15.39
C PHE A 304 3.46 -2.23 -15.11
N TYR A 305 4.26 -1.37 -14.47
CA TYR A 305 5.71 -1.41 -14.61
C TYR A 305 6.33 -2.39 -13.61
N THR A 306 6.21 -3.67 -13.95
CA THR A 306 6.74 -4.76 -13.15
C THR A 306 7.55 -5.72 -14.01
N GLU A 307 8.35 -6.55 -13.33
CA GLU A 307 9.18 -7.52 -14.02
C GLU A 307 8.35 -8.43 -14.91
N THR A 308 7.20 -8.88 -14.40
CA THR A 308 6.33 -9.76 -15.18
C THR A 308 5.85 -9.06 -16.44
N ALA A 309 5.46 -7.79 -16.33
CA ALA A 309 5.02 -7.05 -17.51
C ALA A 309 6.13 -6.95 -18.54
N ILE A 310 7.35 -6.61 -18.10
CA ILE A 310 8.47 -6.47 -19.04
C ILE A 310 8.72 -7.80 -19.76
N GLU A 311 8.73 -8.89 -18.98
CA GLU A 311 8.97 -10.21 -19.56
C GLU A 311 7.95 -10.50 -20.65
N ASN A 312 6.67 -10.23 -20.38
CA ASN A 312 5.64 -10.52 -21.36
C ASN A 312 5.70 -9.56 -22.54
N MET A 313 6.04 -8.29 -22.31
CA MET A 313 6.16 -7.37 -23.44
C MET A 313 7.26 -7.81 -24.40
N VAL A 314 8.38 -8.28 -23.86
CA VAL A 314 9.49 -8.71 -24.71
C VAL A 314 9.18 -10.04 -25.37
N PHE A 315 8.77 -11.04 -24.59
CA PHE A 315 8.55 -12.37 -25.15
C PHE A 315 7.41 -12.35 -26.16
N ASN A 316 6.31 -11.67 -25.82
CA ASN A 316 5.14 -11.72 -26.69
C ASN A 316 5.36 -10.94 -27.98
N SER A 317 6.14 -9.86 -27.94
CA SER A 317 6.40 -9.12 -29.16
C SER A 317 7.34 -9.89 -30.08
N LEU A 318 8.37 -10.52 -29.52
CA LEU A 318 9.25 -11.34 -30.35
C LEU A 318 8.51 -12.57 -30.90
N ASP A 319 7.62 -13.16 -30.09
CA ASP A 319 6.83 -14.28 -30.59
C ASP A 319 5.93 -13.84 -31.73
N ALA A 320 5.25 -12.70 -31.57
CA ALA A 320 4.35 -12.22 -32.61
C ALA A 320 5.10 -11.89 -33.89
N CYS A 321 6.21 -11.15 -33.75
CA CYS A 321 7.04 -10.80 -34.89
C CYS A 321 7.44 -12.04 -35.68
N THR A 322 8.00 -13.04 -35.00
CA THR A 322 8.51 -14.21 -35.70
C THR A 322 7.39 -15.11 -36.22
N THR A 323 6.24 -15.13 -35.53
CA THR A 323 5.09 -15.86 -36.07
C THR A 323 4.67 -15.29 -37.42
N VAL A 324 4.57 -13.96 -37.51
CA VAL A 324 4.25 -13.32 -38.78
C VAL A 324 5.32 -13.61 -39.82
N LEU A 325 6.60 -13.56 -39.41
CA LEU A 325 7.67 -13.81 -40.38
C LEU A 325 7.59 -15.22 -40.96
N ARG A 326 7.14 -16.19 -40.16
CA ARG A 326 6.98 -17.55 -40.67
C ARG A 326 5.69 -17.74 -41.44
N GLY A 327 4.88 -16.69 -41.60
CA GLY A 327 3.65 -16.80 -42.36
C GLY A 327 2.56 -17.55 -41.64
N GLU A 328 2.60 -17.61 -40.32
CA GLU A 328 1.64 -18.31 -39.49
C GLU A 328 0.61 -17.35 -38.94
N PRO A 329 -0.58 -17.85 -38.60
CA PRO A 329 -1.59 -16.98 -37.99
C PRO A 329 -1.11 -16.44 -36.64
N CYS A 330 -1.38 -15.16 -36.40
CA CYS A 330 -0.96 -14.49 -35.18
C CYS A 330 -2.13 -13.74 -34.57
N ALA A 331 -2.57 -14.17 -33.39
CA ALA A 331 -3.72 -13.53 -32.74
C ALA A 331 -3.47 -12.07 -32.39
N ALA A 332 -2.21 -11.67 -32.22
CA ALA A 332 -1.87 -10.29 -31.91
C ALA A 332 -1.62 -9.45 -33.16
N GLU A 333 -1.90 -9.99 -34.35
CA GLU A 333 -1.75 -9.19 -35.56
C GLU A 333 -2.93 -8.24 -35.70
N ILE A 334 -2.62 -6.98 -36.02
CA ILE A 334 -3.60 -5.96 -36.35
C ILE A 334 -3.68 -5.93 -37.86
N LYS A 335 -4.81 -6.36 -38.43
CA LYS A 335 -4.98 -6.34 -39.87
C LYS A 335 -5.28 -4.92 -40.32
N LEU A 336 -4.51 -4.42 -41.28
CA LEU A 336 -4.66 -3.06 -41.76
C LEU A 336 -5.43 -3.02 -43.07
N MET B 6 -21.48 -0.49 40.83
CA MET B 6 -21.19 -0.71 39.39
C MET B 6 -20.78 0.57 38.70
N ARG B 7 -20.50 1.63 39.45
CA ARG B 7 -20.23 2.92 38.82
C ARG B 7 -18.82 2.94 38.23
N CYS B 8 -18.72 3.40 36.99
CA CYS B 8 -17.46 3.43 36.26
C CYS B 8 -17.16 4.85 35.81
N VAL B 9 -15.89 5.20 35.83
CA VAL B 9 -15.42 6.49 35.32
C VAL B 9 -14.31 6.23 34.30
N VAL B 10 -14.38 6.95 33.19
CA VAL B 10 -13.45 6.79 32.07
C VAL B 10 -12.65 8.07 31.96
N PHE B 11 -11.33 7.96 31.97
CA PHE B 11 -10.46 9.09 31.74
C PHE B 11 -9.77 8.97 30.39
N ASN B 12 -9.09 10.05 29.99
CA ASN B 12 -8.29 10.08 28.76
C ASN B 12 -9.15 9.90 27.51
N LEU B 13 -10.44 10.25 27.59
CA LEU B 13 -11.35 9.95 26.49
C LEU B 13 -11.03 10.83 25.29
N ARG B 14 -10.70 10.20 24.17
CA ARG B 14 -10.39 10.92 22.93
C ARG B 14 -11.62 10.99 22.04
N GLU B 15 -11.59 11.98 21.13
CA GLU B 15 -12.73 12.23 20.25
C GLU B 15 -13.24 10.96 19.59
N GLU B 16 -12.33 10.14 19.07
CA GLU B 16 -12.76 8.96 18.31
C GLU B 16 -13.29 7.86 19.20
N GLU B 17 -12.96 7.88 20.50
CA GLU B 17 -13.48 6.89 21.42
C GLU B 17 -14.90 7.20 21.90
N ALA B 18 -15.26 8.48 21.97
CA ALA B 18 -16.51 8.87 22.61
C ALA B 18 -17.74 8.20 21.99
N PRO B 19 -17.89 8.10 20.68
CA PRO B 19 -19.12 7.47 20.15
C PRO B 19 -19.23 6.00 20.54
N TYR B 20 -18.11 5.32 20.71
CA TYR B 20 -18.15 3.92 21.12
C TYR B 20 -18.54 3.77 22.59
N VAL B 21 -18.10 4.70 23.45
CA VAL B 21 -18.58 4.67 24.82
C VAL B 21 -20.09 4.82 24.86
N GLU B 22 -20.62 5.78 24.07
CA GLU B 22 -22.06 5.97 24.03
C GLU B 22 -22.77 4.72 23.54
N LYS B 23 -22.23 4.08 22.50
CA LYS B 23 -22.84 2.86 21.98
C LYS B 23 -22.87 1.77 23.04
N TRP B 24 -21.77 1.61 23.79
CA TRP B 24 -21.73 0.61 24.85
C TRP B 24 -22.75 0.94 25.94
N LYS B 25 -22.85 2.21 26.32
CA LYS B 25 -23.82 2.61 27.34
C LYS B 25 -25.24 2.29 26.90
N GLN B 26 -25.55 2.52 25.62
CA GLN B 26 -26.90 2.27 25.11
C GLN B 26 -27.28 0.80 25.26
N SER B 27 -26.32 -0.11 25.14
CA SER B 27 -26.62 -1.54 25.29
C SER B 27 -26.40 -2.05 26.70
N HIS B 28 -26.04 -1.19 27.65
CA HIS B 28 -25.90 -1.56 29.06
C HIS B 28 -26.60 -0.51 29.92
N PRO B 29 -27.90 -0.33 29.72
CA PRO B 29 -28.63 0.68 30.49
C PRO B 29 -28.59 0.35 31.97
N GLY B 30 -28.38 1.36 32.78
CA GLY B 30 -28.30 1.22 34.20
C GLY B 30 -26.89 1.23 34.75
N VAL B 31 -25.89 0.95 33.93
CA VAL B 31 -24.50 1.08 34.35
C VAL B 31 -24.10 2.54 34.23
N VAL B 32 -23.71 3.16 35.33
CA VAL B 32 -23.21 4.53 35.26
C VAL B 32 -21.80 4.49 34.67
N VAL B 33 -21.60 5.22 33.57
CA VAL B 33 -20.30 5.36 32.94
C VAL B 33 -20.13 6.85 32.69
N ASP B 34 -19.36 7.52 33.52
CA ASP B 34 -19.07 8.94 33.36
C ASP B 34 -17.71 9.09 32.70
N THR B 35 -17.54 10.16 31.95
CA THR B 35 -16.36 10.30 31.11
C THR B 35 -15.67 11.64 31.30
N TYR B 36 -14.35 11.61 31.16
CA TYR B 36 -13.48 12.77 31.20
C TYR B 36 -12.46 12.66 30.10
N GLU B 37 -12.26 13.76 29.37
CA GLU B 37 -11.22 13.81 28.35
C GLU B 37 -9.83 13.94 28.98
N GLU B 38 -9.75 14.57 30.15
N GLU B 38 -9.76 14.55 30.15
CA GLU B 38 -8.48 14.87 30.78
CA GLU B 38 -8.47 14.86 30.75
C GLU B 38 -7.86 13.63 31.43
C GLU B 38 -7.86 13.63 31.40
N PRO B 39 -6.57 13.69 31.73
CA PRO B 39 -5.95 12.62 32.51
C PRO B 39 -6.32 12.70 33.98
N LEU B 40 -6.14 11.57 34.66
CA LEU B 40 -6.30 11.49 36.12
C LEU B 40 -4.95 11.80 36.76
N THR B 41 -4.93 12.78 37.66
CA THR B 41 -3.69 13.21 38.30
C THR B 41 -3.99 13.53 39.76
N ALA B 42 -2.92 13.88 40.50
CA ALA B 42 -3.11 14.27 41.89
C ALA B 42 -4.06 15.45 42.02
N LYS B 43 -4.08 16.34 41.02
CA LYS B 43 -4.85 17.57 41.13
C LYS B 43 -6.35 17.32 41.00
N ASN B 44 -6.78 16.26 40.31
CA ASN B 44 -8.20 15.96 40.17
C ASN B 44 -8.58 14.61 40.74
N LYS B 45 -7.77 14.07 41.66
CA LYS B 45 -8.02 12.72 42.16
C LYS B 45 -9.38 12.59 42.81
N GLU B 46 -9.91 13.70 43.34
CA GLU B 46 -11.21 13.67 44.00
C GLU B 46 -12.34 13.25 43.07
N LEU B 47 -12.13 13.33 41.75
CA LEU B 47 -13.13 12.84 40.83
C LEU B 47 -13.40 11.35 40.98
N LEU B 48 -12.47 10.63 41.64
CA LEU B 48 -12.64 9.19 41.82
C LEU B 48 -13.72 8.83 42.84
N LYS B 49 -14.12 9.77 43.69
CA LYS B 49 -15.08 9.45 44.74
C LYS B 49 -16.35 8.83 44.16
N GLY B 50 -16.72 7.67 44.70
CA GLY B 50 -17.96 7.03 44.35
C GLY B 50 -17.89 6.04 43.20
N TYR B 51 -16.74 5.88 42.56
CA TYR B 51 -16.61 4.95 41.44
C TYR B 51 -15.98 3.65 41.91
N GLU B 52 -16.46 2.54 41.36
CA GLU B 52 -15.88 1.22 41.58
C GLU B 52 -14.93 0.79 40.47
N GLY B 53 -15.15 1.27 39.25
CA GLY B 53 -14.30 0.93 38.12
C GLY B 53 -13.70 2.18 37.50
N LEU B 54 -12.44 2.07 37.11
CA LEU B 54 -11.68 3.17 36.52
C LEU B 54 -11.15 2.66 35.19
N VAL B 55 -11.51 3.33 34.09
CA VAL B 55 -11.15 2.90 32.74
C VAL B 55 -10.23 3.96 32.14
N VAL B 56 -9.02 3.55 31.76
CA VAL B 56 -7.95 4.50 31.47
C VAL B 56 -7.17 4.11 30.22
N MET B 57 -6.57 5.12 29.61
CA MET B 57 -5.61 4.95 28.52
C MET B 57 -4.69 6.16 28.63
N GLN B 58 -3.81 6.13 29.62
CA GLN B 58 -3.11 7.32 30.06
C GLN B 58 -1.62 7.18 29.78
N PHE B 59 -1.05 8.25 29.21
CA PHE B 59 0.34 8.32 28.77
C PHE B 59 1.23 9.04 29.77
N LEU B 60 0.68 9.41 30.91
CA LEU B 60 1.34 10.22 31.92
C LEU B 60 1.22 9.48 33.23
N ALA B 61 2.35 9.32 33.94
CA ALA B 61 2.32 8.59 35.20
C ALA B 61 1.43 9.31 36.21
N MET B 62 0.67 8.52 36.97
CA MET B 62 -0.12 9.05 38.07
C MET B 62 0.72 9.02 39.34
N GLU B 63 0.67 10.10 40.11
CA GLU B 63 1.42 10.17 41.35
C GLU B 63 0.93 9.12 42.33
N ASP B 64 1.82 8.72 43.25
CA ASP B 64 1.45 7.72 44.25
C ASP B 64 0.15 8.10 44.95
N GLU B 65 0.00 9.38 45.27
CA GLU B 65 -1.19 9.79 46.03
C GLU B 65 -2.48 9.54 45.26
N VAL B 66 -2.42 9.42 43.93
CA VAL B 66 -3.62 9.06 43.17
C VAL B 66 -4.03 7.62 43.49
N TYR B 67 -3.06 6.70 43.44
CA TYR B 67 -3.35 5.31 43.76
C TYR B 67 -3.81 5.16 45.21
N ASP B 68 -3.19 5.92 46.13
CA ASP B 68 -3.63 5.87 47.51
C ASP B 68 -5.08 6.34 47.62
N TYR B 69 -5.44 7.35 46.84
CA TYR B 69 -6.82 7.84 46.86
C TYR B 69 -7.78 6.82 46.26
N MET B 70 -7.36 6.10 45.22
CA MET B 70 -8.15 4.98 44.74
C MET B 70 -8.43 4.01 45.89
N GLY B 71 -7.41 3.69 46.67
CA GLY B 71 -7.59 2.80 47.79
C GLY B 71 -8.56 3.35 48.82
N ALA B 72 -8.42 4.65 49.14
CA ALA B 72 -9.30 5.27 50.12
C ALA B 72 -10.75 5.26 49.65
N CYS B 73 -10.96 5.39 48.32
CA CYS B 73 -12.28 5.37 47.71
C CYS B 73 -12.83 3.97 47.53
N LYS B 74 -12.03 2.94 47.81
CA LYS B 74 -12.46 1.55 47.65
C LYS B 74 -12.70 1.21 46.19
N LEU B 75 -11.91 1.79 45.29
CA LEU B 75 -11.95 1.38 43.90
C LEU B 75 -11.69 -0.11 43.80
N LYS B 76 -12.42 -0.79 42.92
CA LYS B 76 -12.30 -2.22 42.79
C LYS B 76 -11.43 -2.67 41.62
N VAL B 77 -11.38 -1.92 40.52
CA VAL B 77 -10.66 -2.36 39.34
C VAL B 77 -10.22 -1.16 38.54
N LEU B 78 -9.00 -1.25 38.02
CA LEU B 78 -8.46 -0.35 37.00
C LEU B 78 -8.39 -1.16 35.71
N SER B 79 -9.05 -0.66 34.68
CA SER B 79 -9.14 -1.35 33.40
C SER B 79 -8.51 -0.46 32.34
N THR B 80 -7.43 -0.96 31.73
N THR B 80 -7.43 -0.94 31.72
CA THR B 80 -6.80 -0.23 30.63
CA THR B 80 -6.82 -0.16 30.65
C THR B 80 -7.53 -0.54 29.33
C THR B 80 -7.43 -0.56 29.32
N ARG B 81 -7.37 0.36 28.37
CA ARG B 81 -7.93 0.18 27.03
C ARG B 81 -6.88 -0.35 26.08
N THR B 82 -5.72 -0.70 26.59
CA THR B 82 -4.57 -1.11 25.82
C THR B 82 -4.13 -2.50 26.23
N ALA B 83 -3.31 -3.10 25.38
CA ALA B 83 -2.69 -4.38 25.73
C ALA B 83 -1.63 -4.19 26.80
N GLY B 84 -0.83 -3.12 26.67
CA GLY B 84 0.16 -2.85 27.67
C GLY B 84 -0.45 -2.28 28.94
N PHE B 85 0.19 -2.60 30.06
CA PHE B 85 -0.26 -2.10 31.35
C PHE B 85 0.89 -1.71 32.27
N ASP B 86 2.14 -1.79 31.79
CA ASP B 86 3.31 -1.47 32.60
C ASP B 86 3.40 0.01 32.94
N MET B 87 2.57 0.85 32.31
CA MET B 87 2.54 2.27 32.62
C MET B 87 1.73 2.60 33.86
N TYR B 88 1.13 1.60 34.50
CA TYR B 88 0.37 1.78 35.73
C TYR B 88 1.12 1.15 36.91
N ASN B 89 0.81 1.67 38.11
CA ASN B 89 1.52 1.26 39.31
C ASN B 89 0.91 0.02 39.91
N ALA B 90 1.32 -1.13 39.38
CA ALA B 90 0.79 -2.41 39.87
C ALA B 90 1.15 -2.65 41.33
N THR B 91 2.28 -2.11 41.78
CA THR B 91 2.66 -2.26 43.17
C THR B 91 1.59 -1.68 44.09
N LEU B 92 1.14 -0.47 43.80
CA LEU B 92 0.13 0.17 44.63
C LEU B 92 -1.27 -0.39 44.38
N LEU B 93 -1.60 -0.78 43.15
CA LEU B 93 -2.87 -1.46 42.92
C LEU B 93 -2.98 -2.68 43.82
N LYS B 94 -1.94 -3.53 43.83
N LYS B 94 -1.94 -3.53 43.83
CA LYS B 94 -1.98 -4.73 44.65
CA LYS B 94 -1.98 -4.73 44.65
C LYS B 94 -2.06 -4.38 46.13
C LYS B 94 -2.06 -4.38 46.13
N LYS B 95 -1.27 -3.40 46.56
CA LYS B 95 -1.30 -2.98 47.96
C LYS B 95 -2.71 -2.65 48.42
N HIS B 96 -3.47 -1.97 47.56
CA HIS B 96 -4.79 -1.48 47.91
C HIS B 96 -5.91 -2.44 47.52
N GLY B 97 -5.57 -3.63 47.05
CA GLY B 97 -6.60 -4.61 46.72
C GLY B 97 -7.39 -4.28 45.48
N ILE B 98 -6.79 -3.53 44.55
CA ILE B 98 -7.44 -3.10 43.33
C ILE B 98 -7.01 -4.06 42.22
N ARG B 99 -7.99 -4.56 41.48
CA ARG B 99 -7.72 -5.50 40.39
C ARG B 99 -7.38 -4.73 39.12
N LEU B 100 -6.86 -5.46 38.14
CA LEU B 100 -6.33 -4.88 36.90
C LEU B 100 -6.82 -5.70 35.72
N THR B 101 -7.31 -5.03 34.68
CA THR B 101 -7.63 -5.68 33.41
C THR B 101 -6.98 -4.90 32.28
N ASN B 102 -6.73 -5.60 31.16
CA ASN B 102 -6.24 -4.96 29.95
C ASN B 102 -7.13 -5.31 28.76
N VAL B 103 -6.68 -4.95 27.57
CA VAL B 103 -7.31 -5.36 26.32
C VAL B 103 -6.24 -6.04 25.47
N PRO B 104 -6.20 -7.37 25.46
CA PRO B 104 -5.07 -8.03 24.79
C PRO B 104 -5.06 -7.91 23.29
N SER B 105 -6.21 -7.69 22.65
CA SER B 105 -6.31 -7.67 21.20
C SER B 105 -7.36 -6.65 20.79
N TYR B 106 -7.04 -5.82 19.79
CA TYR B 106 -7.98 -4.83 19.29
C TYR B 106 -8.51 -5.19 17.91
N SER B 107 -7.65 -5.24 16.91
CA SER B 107 -8.02 -5.62 15.56
C SER B 107 -6.77 -6.19 14.90
N PRO B 108 -6.57 -7.50 14.96
CA PRO B 108 -5.40 -8.07 14.27
C PRO B 108 -5.34 -7.67 12.80
N ASN B 109 -6.51 -7.56 12.15
CA ASN B 109 -6.54 -7.18 10.76
C ASN B 109 -5.99 -5.77 10.54
N ALA B 110 -6.21 -4.85 11.47
CA ALA B 110 -5.66 -3.51 11.29
C ALA B 110 -4.16 -3.58 11.10
N ILE B 111 -3.49 -4.37 11.92
CA ILE B 111 -2.03 -4.40 11.93
C ILE B 111 -1.53 -5.19 10.73
N GLY B 112 -2.18 -6.31 10.42
CA GLY B 112 -1.81 -7.03 9.20
C GLY B 112 -2.00 -6.18 7.96
N GLU B 113 -3.11 -5.43 7.91
CA GLU B 113 -3.38 -4.57 6.78
C GLU B 113 -2.31 -3.49 6.65
N TYR B 114 -1.88 -2.91 7.78
CA TYR B 114 -0.79 -1.93 7.71
C TYR B 114 0.49 -2.58 7.19
N ALA B 115 0.78 -3.80 7.65
CA ALA B 115 1.98 -4.48 7.16
C ALA B 115 1.94 -4.66 5.65
N LEU B 116 0.79 -5.04 5.11
CA LEU B 116 0.64 -5.18 3.67
C LEU B 116 0.75 -3.82 2.98
N ALA B 117 0.08 -2.80 3.52
CA ALA B 117 0.13 -1.47 2.92
C ALA B 117 1.55 -0.94 2.85
N ALA B 118 2.29 -1.09 3.95
CA ALA B 118 3.67 -0.64 4.01
C ALA B 118 4.56 -1.46 3.07
N ALA B 119 4.37 -2.77 3.06
CA ALA B 119 5.12 -3.62 2.13
C ALA B 119 4.90 -3.16 0.69
N LEU B 120 3.66 -2.84 0.32
CA LEU B 120 3.39 -2.40 -1.05
C LEU B 120 3.97 -1.01 -1.31
N GLN B 121 4.03 -0.14 -0.31
CA GLN B 121 4.76 1.12 -0.50
C GLN B 121 6.21 0.84 -0.87
N LEU B 122 6.81 -0.15 -0.22
CA LEU B 122 8.20 -0.52 -0.52
C LEU B 122 8.32 -1.21 -1.87
N THR B 123 7.55 -2.28 -2.09
CA THR B 123 7.79 -3.08 -3.28
C THR B 123 7.37 -2.34 -4.55
N ARG B 124 6.41 -1.43 -4.46
CA ARG B 124 5.97 -0.63 -5.61
C ARG B 124 6.67 0.72 -5.66
N HIS B 125 7.70 0.94 -4.85
CA HIS B 125 8.60 2.08 -5.00
C HIS B 125 7.89 3.43 -4.85
N ALA B 126 6.95 3.51 -3.91
CA ALA B 126 6.14 4.71 -3.82
C ALA B 126 7.00 5.96 -3.60
N ARG B 127 7.90 5.92 -2.63
CA ARG B 127 8.69 7.10 -2.31
C ARG B 127 9.64 7.47 -3.44
N GLU B 128 10.27 6.47 -4.05
N GLU B 128 10.29 6.49 -4.06
CA GLU B 128 11.20 6.71 -5.15
CA GLU B 128 11.22 6.81 -5.14
C GLU B 128 10.49 7.30 -6.35
C GLU B 128 10.47 7.37 -6.35
N ILE B 129 9.30 6.82 -6.66
CA ILE B 129 8.51 7.41 -7.74
C ILE B 129 8.16 8.85 -7.42
N GLU B 130 7.73 9.13 -6.18
CA GLU B 130 7.37 10.50 -5.82
C GLU B 130 8.57 11.43 -5.94
N THR B 131 9.75 10.95 -5.59
CA THR B 131 10.96 11.76 -5.74
C THR B 131 11.23 12.09 -7.20
N PHE B 132 11.07 11.11 -8.10
CA PHE B 132 11.21 11.40 -9.53
C PHE B 132 10.11 12.35 -10.00
N VAL B 133 8.87 12.15 -9.54
CA VAL B 133 7.79 13.03 -9.94
C VAL B 133 8.07 14.47 -9.50
N ARG B 134 8.61 14.64 -8.29
CA ARG B 134 8.93 15.98 -7.79
C ARG B 134 9.87 16.70 -8.74
N LYS B 135 10.82 15.98 -9.33
CA LYS B 135 11.77 16.51 -10.31
C LYS B 135 11.20 16.55 -11.73
N ARG B 136 9.96 16.12 -11.92
CA ARG B 136 9.30 16.05 -13.22
C ARG B 136 9.99 15.04 -14.14
N ASP B 137 10.66 14.05 -13.55
CA ASP B 137 11.31 12.96 -14.28
C ASP B 137 10.29 11.82 -14.36
N PHE B 138 9.60 11.73 -15.49
CA PHE B 138 8.52 10.78 -15.67
C PHE B 138 8.94 9.57 -16.50
N ARG B 139 10.21 9.21 -16.48
CA ARG B 139 10.70 8.08 -17.25
C ARG B 139 10.32 6.74 -16.62
N TRP B 140 10.20 5.74 -17.48
CA TRP B 140 10.09 4.35 -17.05
C TRP B 140 11.51 3.85 -16.90
N GLN B 141 12.04 3.93 -15.69
CA GLN B 141 13.44 3.67 -15.42
C GLN B 141 13.60 2.59 -14.35
N LYS B 142 14.67 1.82 -14.51
CA LYS B 142 14.87 0.62 -13.70
C LYS B 142 14.80 0.85 -12.20
N PRO B 143 15.26 1.98 -11.64
CA PRO B 143 15.13 2.16 -10.18
C PRO B 143 13.70 2.07 -9.65
N ILE B 144 12.69 2.28 -10.48
CA ILE B 144 11.30 2.19 -10.02
C ILE B 144 10.56 1.00 -10.58
N LEU B 145 11.26 0.06 -11.24
CA LEU B 145 10.65 -1.19 -11.68
C LEU B 145 10.36 -2.07 -10.47
N SER B 146 9.18 -2.70 -10.45
CA SER B 146 8.75 -3.43 -9.28
C SER B 146 8.60 -4.93 -9.55
N LYS B 147 8.66 -5.72 -8.48
N LYS B 147 8.64 -5.70 -8.48
CA LYS B 147 8.34 -7.13 -8.49
CA LYS B 147 8.35 -7.14 -8.49
C LYS B 147 6.99 -7.32 -7.82
C LYS B 147 6.99 -7.34 -7.81
N GLU B 148 6.06 -7.96 -8.52
CA GLU B 148 4.73 -8.19 -7.96
C GLU B 148 4.79 -9.14 -6.77
N LEU B 149 3.91 -8.91 -5.80
CA LEU B 149 3.86 -9.80 -4.65
C LEU B 149 3.51 -11.24 -5.07
N ARG B 150 2.71 -11.40 -6.12
N ARG B 150 2.71 -11.40 -6.13
CA ARG B 150 2.38 -12.76 -6.55
CA ARG B 150 2.38 -12.76 -6.58
C ARG B 150 3.60 -13.52 -7.07
C ARG B 150 3.60 -13.52 -7.09
N CYS B 151 4.69 -12.82 -7.37
CA CYS B 151 5.95 -13.43 -7.78
C CYS B 151 6.98 -13.42 -6.67
N SER B 152 6.54 -13.20 -5.44
CA SER B 152 7.42 -13.01 -4.30
C SER B 152 7.12 -14.01 -3.19
N ARG B 153 8.13 -14.21 -2.35
CA ARG B 153 7.98 -14.93 -1.09
C ARG B 153 8.00 -13.92 0.04
N VAL B 154 6.97 -13.97 0.88
CA VAL B 154 6.86 -13.12 2.05
C VAL B 154 7.06 -14.00 3.28
N GLY B 155 7.97 -13.57 4.16
CA GLY B 155 8.28 -14.29 5.38
C GLY B 155 7.65 -13.61 6.57
N ILE B 156 6.86 -14.37 7.33
CA ILE B 156 6.16 -13.90 8.52
C ILE B 156 6.90 -14.46 9.73
N LEU B 157 7.51 -13.58 10.53
CA LEU B 157 8.21 -13.99 11.75
C LEU B 157 7.25 -13.80 12.92
N GLY B 158 6.72 -14.92 13.42
CA GLY B 158 5.74 -14.89 14.49
C GLY B 158 4.35 -15.13 13.94
N THR B 159 3.68 -16.18 14.41
CA THR B 159 2.41 -16.60 13.85
C THR B 159 1.27 -16.62 14.87
N GLY B 160 1.27 -15.68 15.81
CA GLY B 160 0.09 -15.37 16.59
C GLY B 160 -1.00 -14.75 15.73
N ARG B 161 -2.04 -14.23 16.41
CA ARG B 161 -3.18 -13.68 15.68
C ARG B 161 -2.77 -12.63 14.65
N ILE B 162 -1.85 -11.76 15.03
CA ILE B 162 -1.49 -10.67 14.12
C ILE B 162 -0.71 -11.20 12.93
N GLY B 163 0.29 -12.05 13.18
CA GLY B 163 1.03 -12.66 12.09
C GLY B 163 0.12 -13.45 11.16
N GLN B 164 -0.89 -14.11 11.73
CA GLN B 164 -1.85 -14.84 10.90
C GLN B 164 -2.66 -13.89 10.03
N ALA B 165 -3.06 -12.75 10.59
CA ALA B 165 -3.77 -11.77 9.78
C ALA B 165 -2.91 -11.27 8.64
N ALA B 166 -1.66 -10.94 8.93
CA ALA B 166 -0.74 -10.52 7.87
C ALA B 166 -0.57 -11.62 6.82
N ALA B 167 -0.37 -12.86 7.26
CA ALA B 167 -0.19 -13.96 6.33
C ALA B 167 -1.40 -14.12 5.42
N ARG B 168 -2.59 -14.04 6.00
CA ARG B 168 -3.83 -14.14 5.22
C ARG B 168 -3.90 -13.05 4.17
N LEU B 169 -3.52 -11.82 4.53
CA LEU B 169 -3.61 -10.70 3.59
C LEU B 169 -2.55 -10.83 2.50
N PHE B 170 -1.32 -11.22 2.85
CA PHE B 170 -0.31 -11.44 1.83
C PHE B 170 -0.70 -12.56 0.87
N LYS B 171 -1.22 -13.67 1.41
CA LYS B 171 -1.71 -14.73 0.52
C LYS B 171 -2.85 -14.22 -0.34
N GLY B 172 -3.71 -13.37 0.21
CA GLY B 172 -4.84 -12.82 -0.50
C GLY B 172 -4.45 -11.98 -1.70
N VAL B 173 -3.24 -11.44 -1.71
CA VAL B 173 -2.76 -10.70 -2.88
C VAL B 173 -1.84 -11.56 -3.74
N GLY B 174 -1.72 -12.85 -3.45
CA GLY B 174 -1.03 -13.78 -4.31
C GLY B 174 0.36 -14.20 -3.87
N ALA B 175 0.87 -13.65 -2.77
CA ALA B 175 2.22 -13.98 -2.36
C ALA B 175 2.32 -15.43 -1.91
N GLN B 176 3.50 -16.00 -2.07
CA GLN B 176 3.85 -17.26 -1.43
C GLN B 176 4.33 -16.91 -0.02
N VAL B 177 3.60 -17.34 1.00
CA VAL B 177 3.88 -16.91 2.37
C VAL B 177 4.51 -18.07 3.12
N VAL B 178 5.63 -17.79 3.79
CA VAL B 178 6.26 -18.74 4.70
C VAL B 178 6.29 -18.10 6.08
N GLY B 179 6.38 -18.94 7.09
CA GLY B 179 6.37 -18.47 8.46
C GLY B 179 7.38 -19.22 9.31
N PHE B 180 7.83 -18.54 10.36
CA PHE B 180 8.57 -19.19 11.43
C PHE B 180 7.96 -18.81 12.78
N ASP B 181 7.85 -19.78 13.66
CA ASP B 181 7.42 -19.52 15.04
C ASP B 181 8.00 -20.61 15.90
N PRO B 182 8.37 -20.31 17.14
CA PRO B 182 8.80 -21.39 18.05
C PRO B 182 7.73 -22.43 18.29
N TYR B 183 6.45 -22.09 18.08
CA TYR B 183 5.33 -23.01 18.31
C TYR B 183 4.35 -22.89 17.16
N PRO B 184 4.64 -23.55 16.04
CA PRO B 184 3.73 -23.50 14.88
C PRO B 184 2.33 -23.93 15.25
N ASN B 185 1.33 -23.31 14.62
CA ASN B 185 -0.06 -23.67 14.87
C ASN B 185 -0.76 -23.99 13.57
N ASP B 186 -1.84 -24.77 13.66
CA ASP B 186 -2.50 -25.25 12.47
C ASP B 186 -3.31 -24.17 11.76
N ALA B 187 -3.86 -23.20 12.51
CA ALA B 187 -4.63 -22.15 11.88
C ALA B 187 -3.80 -21.38 10.85
N ALA B 188 -2.53 -21.10 11.18
CA ALA B 188 -1.68 -20.33 10.29
C ALA B 188 -1.40 -21.07 8.99
N LYS B 189 -1.48 -22.40 9.02
CA LYS B 189 -1.20 -23.21 7.83
C LYS B 189 -2.24 -23.02 6.74
N GLU B 190 -3.38 -22.40 7.03
CA GLU B 190 -4.30 -22.03 5.97
C GLU B 190 -3.66 -21.02 5.03
N TRP B 191 -2.74 -20.20 5.55
CA TRP B 191 -2.21 -19.07 4.80
C TRP B 191 -0.73 -19.14 4.48
N LEU B 192 0.05 -19.96 5.20
CA LEU B 192 1.48 -20.00 5.01
C LEU B 192 2.00 -21.42 5.19
N THR B 193 3.26 -21.60 4.82
CA THR B 193 4.01 -22.82 5.06
C THR B 193 5.11 -22.52 6.07
N TYR B 194 5.19 -23.34 7.10
CA TYR B 194 6.24 -23.15 8.09
C TYR B 194 7.58 -23.62 7.54
N VAL B 195 8.62 -22.83 7.79
CA VAL B 195 9.98 -23.12 7.38
C VAL B 195 10.91 -22.78 8.54
N SER B 196 12.16 -23.19 8.40
CA SER B 196 13.16 -22.85 9.40
C SER B 196 13.46 -21.34 9.36
N MET B 197 14.03 -20.85 10.45
CA MET B 197 14.48 -19.47 10.48
C MET B 197 15.45 -19.17 9.34
N ASP B 198 16.42 -20.06 9.13
CA ASP B 198 17.42 -19.83 8.09
C ASP B 198 16.76 -19.77 6.72
N GLU B 199 15.81 -20.65 6.45
CA GLU B 199 15.13 -20.60 5.15
C GLU B 199 14.33 -19.31 5.00
N LEU B 200 13.59 -18.92 6.04
CA LEU B 200 12.81 -17.69 5.93
C LEU B 200 13.73 -16.50 5.65
N LEU B 201 14.81 -16.38 6.43
CA LEU B 201 15.69 -15.24 6.26
C LEU B 201 16.32 -15.21 4.88
N SER B 202 16.75 -16.37 4.37
CA SER B 202 17.56 -16.40 3.16
C SER B 202 16.75 -16.39 1.87
N THR B 203 15.44 -16.68 1.92
CA THR B 203 14.65 -16.78 0.70
C THR B 203 13.53 -15.75 0.56
N SER B 204 13.26 -14.94 1.59
CA SER B 204 12.12 -14.03 1.53
C SER B 204 12.47 -12.73 0.81
N ASP B 205 11.56 -12.29 -0.05
CA ASP B 205 11.68 -10.98 -0.70
C ASP B 205 11.24 -9.85 0.22
N VAL B 206 10.27 -10.13 1.09
CA VAL B 206 9.74 -9.21 2.08
C VAL B 206 9.68 -10.01 3.38
N ILE B 207 10.16 -9.41 4.46
CA ILE B 207 10.08 -10.02 5.79
C ILE B 207 9.25 -9.08 6.65
N SER B 208 8.22 -9.62 7.30
CA SER B 208 7.35 -8.84 8.17
C SER B 208 7.37 -9.45 9.57
N LEU B 209 7.64 -8.60 10.57
CA LEU B 209 7.84 -9.06 11.93
C LEU B 209 6.56 -8.98 12.74
N HIS B 210 6.25 -10.07 13.45
CA HIS B 210 5.01 -10.18 14.21
C HIS B 210 5.25 -10.97 15.49
N MET B 211 6.42 -10.83 16.08
N MET B 211 6.37 -10.80 16.08
CA MET B 211 6.74 -11.60 17.27
CA MET B 211 6.73 -11.58 17.25
C MET B 211 6.51 -10.78 18.53
C MET B 211 6.47 -10.77 18.52
N PRO B 212 6.10 -11.42 19.62
CA PRO B 212 6.00 -10.71 20.90
C PRO B 212 7.39 -10.36 21.40
N ALA B 213 7.44 -9.45 22.37
CA ALA B 213 8.71 -8.90 22.86
C ALA B 213 9.18 -9.71 24.06
N THR B 214 9.79 -10.86 23.75
CA THR B 214 10.36 -11.75 24.74
C THR B 214 11.88 -11.76 24.60
N LYS B 215 12.55 -12.40 25.55
CA LYS B 215 14.00 -12.49 25.48
C LYS B 215 14.44 -13.16 24.20
N ASP B 216 13.66 -14.13 23.70
CA ASP B 216 14.05 -14.86 22.50
C ASP B 216 13.96 -14.00 21.24
N SER B 217 13.04 -13.04 21.21
CA SER B 217 12.89 -12.20 20.03
C SER B 217 13.70 -10.92 20.09
N HIS B 218 14.36 -10.66 21.22
CA HIS B 218 15.12 -9.42 21.36
C HIS B 218 16.25 -9.38 20.35
N HIS B 219 16.27 -8.31 19.55
CA HIS B 219 17.29 -8.15 18.51
C HIS B 219 17.41 -9.38 17.63
N LEU B 220 16.27 -10.02 17.36
CA LEU B 220 16.25 -11.13 16.42
C LEU B 220 16.83 -10.70 15.08
N ILE B 221 16.50 -9.48 14.65
CA ILE B 221 17.04 -8.90 13.43
C ILE B 221 18.28 -8.10 13.85
N ASN B 222 19.45 -8.57 13.44
CA ASN B 222 20.72 -8.02 13.88
C ASN B 222 21.71 -8.19 12.73
N ALA B 223 22.97 -7.81 12.96
CA ALA B 223 23.93 -7.85 11.87
C ALA B 223 24.05 -9.26 11.28
N LYS B 224 24.02 -10.29 12.14
CA LYS B 224 24.17 -11.65 11.66
C LYS B 224 22.97 -12.09 10.83
N THR B 225 21.75 -11.87 11.33
CA THR B 225 20.59 -12.34 10.60
C THR B 225 20.32 -11.51 9.35
N ILE B 226 20.65 -10.22 9.38
CA ILE B 226 20.54 -9.41 8.17
C ILE B 226 21.47 -9.95 7.08
N ALA B 227 22.69 -10.35 7.47
CA ALA B 227 23.63 -10.88 6.49
C ALA B 227 23.11 -12.16 5.84
N GLN B 228 22.19 -12.87 6.48
CA GLN B 228 21.60 -14.05 5.88
C GLN B 228 20.53 -13.73 4.83
N MET B 229 20.03 -12.50 4.81
CA MET B 229 18.92 -12.15 3.94
C MET B 229 19.39 -12.00 2.49
N LYS B 230 18.41 -12.00 1.59
CA LYS B 230 18.67 -11.70 0.18
C LYS B 230 19.10 -10.25 0.02
N ASP B 231 20.05 -9.99 -0.88
CA ASP B 231 20.35 -8.63 -1.28
C ASP B 231 19.06 -7.98 -1.78
N GLY B 232 18.76 -6.79 -1.28
CA GLY B 232 17.59 -6.07 -1.71
C GLY B 232 16.29 -6.45 -1.04
N VAL B 233 16.35 -7.21 0.06
CA VAL B 233 15.16 -7.53 0.83
C VAL B 233 14.48 -6.26 1.34
N TYR B 234 13.17 -6.34 1.53
CA TYR B 234 12.39 -5.31 2.19
C TYR B 234 11.93 -5.84 3.54
N LEU B 235 11.98 -4.97 4.56
CA LEU B 235 11.64 -5.35 5.94
C LEU B 235 10.54 -4.45 6.47
N VAL B 236 9.55 -5.07 7.13
CA VAL B 236 8.44 -4.36 7.76
C VAL B 236 8.42 -4.75 9.22
N ASN B 237 8.36 -3.75 10.12
CA ASN B 237 8.20 -4.00 11.54
C ASN B 237 6.99 -3.27 12.10
N THR B 238 5.90 -4.01 12.31
CA THR B 238 4.75 -3.57 13.07
C THR B 238 4.73 -4.17 14.48
N ALA B 239 5.72 -4.98 14.83
CA ALA B 239 5.88 -5.51 16.17
C ALA B 239 6.62 -4.49 17.01
N ARG B 240 7.06 -4.85 18.21
CA ARG B 240 7.75 -3.86 19.02
C ARG B 240 9.16 -3.61 18.46
N GLY B 241 9.69 -2.43 18.79
CA GLY B 241 10.97 -2.04 18.24
C GLY B 241 12.12 -2.92 18.67
N ALA B 242 12.01 -3.55 19.85
CA ALA B 242 13.14 -4.31 20.38
C ALA B 242 13.48 -5.55 19.56
N VAL B 243 12.63 -5.95 18.60
N VAL B 243 12.64 -5.97 18.61
CA VAL B 243 12.95 -7.09 17.75
CA VAL B 243 13.00 -7.11 17.78
C VAL B 243 14.09 -6.77 16.80
C VAL B 243 14.07 -6.78 16.76
N ILE B 244 14.40 -5.49 16.58
CA ILE B 244 15.43 -5.06 15.64
C ILE B 244 16.54 -4.34 16.41
N ASP B 245 17.79 -4.75 16.14
N ASP B 245 17.79 -4.75 16.16
CA ASP B 245 18.98 -3.97 16.52
CA ASP B 245 18.94 -3.96 16.56
C ASP B 245 19.05 -2.79 15.58
C ASP B 245 19.03 -2.80 15.59
N SER B 246 18.60 -1.62 16.04
CA SER B 246 18.37 -0.51 15.13
C SER B 246 19.62 -0.09 14.36
N GLN B 247 20.77 -0.01 15.02
CA GLN B 247 21.98 0.42 14.33
C GLN B 247 22.36 -0.57 13.23
N ALA B 248 22.17 -1.87 13.47
CA ALA B 248 22.49 -2.85 12.45
C ALA B 248 21.60 -2.65 11.22
N LEU B 249 20.32 -2.33 11.44
CA LEU B 249 19.43 -2.03 10.32
C LEU B 249 19.89 -0.79 9.57
N LEU B 250 20.20 0.28 10.29
CA LEU B 250 20.68 1.50 9.64
C LEU B 250 21.92 1.21 8.79
N ASP B 251 22.88 0.47 9.35
CA ASP B 251 24.09 0.15 8.61
C ASP B 251 23.76 -0.57 7.31
N SER B 252 22.84 -1.53 7.36
N SER B 252 22.84 -1.53 7.37
CA SER B 252 22.53 -2.33 6.18
CA SER B 252 22.52 -2.34 6.19
C SER B 252 21.71 -1.54 5.16
C SER B 252 21.71 -1.55 5.17
N LEU B 253 20.91 -0.58 5.61
CA LEU B 253 20.23 0.32 4.68
C LEU B 253 21.24 1.23 4.00
N ASP B 254 22.18 1.77 4.77
CA ASP B 254 23.19 2.65 4.22
C ASP B 254 24.05 1.93 3.18
N LYS B 255 24.31 0.64 3.40
CA LYS B 255 25.15 -0.13 2.49
C LYS B 255 24.37 -0.74 1.34
N GLY B 256 23.04 -0.63 1.34
CA GLY B 256 22.23 -1.15 0.26
C GLY B 256 21.90 -2.62 0.35
N LYS B 257 22.23 -3.28 1.46
CA LYS B 257 21.89 -4.69 1.65
C LYS B 257 20.38 -4.86 1.79
N ILE B 258 19.76 -4.06 2.64
CA ILE B 258 18.31 -3.98 2.74
C ILE B 258 17.87 -2.80 1.88
N ALA B 259 16.95 -3.06 0.96
CA ALA B 259 16.54 -2.01 0.01
C ALA B 259 15.66 -0.97 0.68
N GLY B 260 14.90 -1.33 1.69
CA GLY B 260 14.04 -0.39 2.36
C GLY B 260 13.36 -1.08 3.52
N ALA B 261 12.90 -0.26 4.45
CA ALA B 261 12.21 -0.76 5.63
C ALA B 261 11.04 0.15 5.96
N ALA B 262 9.98 -0.45 6.49
CA ALA B 262 8.87 0.29 7.08
C ALA B 262 8.86 -0.05 8.56
N LEU B 263 9.09 0.95 9.40
CA LEU B 263 9.14 0.78 10.84
C LEU B 263 8.00 1.56 11.48
N ASP B 264 7.11 0.86 12.16
CA ASP B 264 6.05 1.46 12.94
C ASP B 264 6.44 1.59 14.41
N ALA B 265 7.66 1.16 14.75
CA ALA B 265 8.10 1.14 16.14
C ALA B 265 9.60 1.27 16.18
N TYR B 266 10.10 1.75 17.32
CA TYR B 266 11.53 1.87 17.60
C TYR B 266 11.74 1.46 19.05
N GLU B 267 12.83 0.71 19.28
CA GLU B 267 13.06 0.12 20.59
C GLU B 267 12.96 1.13 21.75
N PHE B 268 13.47 2.34 21.56
CA PHE B 268 13.55 3.33 22.63
C PHE B 268 12.64 4.53 22.34
N GLU B 269 11.47 4.25 21.77
CA GLU B 269 10.54 5.29 21.39
C GLU B 269 9.74 5.85 22.57
N GLY B 270 9.81 5.21 23.75
CA GLY B 270 8.88 5.53 24.81
C GLY B 270 8.74 6.99 25.18
N PRO B 271 9.82 7.76 25.24
CA PRO B 271 9.68 9.17 25.64
C PRO B 271 8.95 10.03 24.63
N TYR B 272 8.71 9.51 23.42
CA TYR B 272 8.25 10.31 22.30
C TYR B 272 6.91 9.86 21.73
N ILE B 273 6.40 8.70 22.11
CA ILE B 273 5.22 8.09 21.50
C ILE B 273 4.14 8.01 22.56
N PRO B 274 2.89 8.45 22.28
CA PRO B 274 2.39 9.14 21.08
C PRO B 274 2.21 10.64 21.37
N LYS B 275 3.28 11.40 21.23
CA LYS B 275 3.30 12.79 21.65
C LYS B 275 3.61 13.69 20.47
N ASP B 276 3.16 14.94 20.55
CA ASP B 276 3.63 15.98 19.65
C ASP B 276 4.97 16.46 20.17
N ASN B 277 6.05 16.13 19.47
CA ASN B 277 7.40 16.49 19.86
C ASN B 277 7.92 17.73 19.16
N GLY B 278 7.04 18.54 18.58
CA GLY B 278 7.49 19.76 17.93
C GLY B 278 8.36 20.62 18.82
N ASN B 279 8.10 20.63 20.13
CA ASN B 279 8.88 21.41 21.07
C ASN B 279 9.75 20.54 21.98
N ASN B 280 10.04 19.32 21.54
CA ASN B 280 10.75 18.33 22.36
C ASN B 280 11.79 17.62 21.49
N PRO B 281 13.05 18.03 21.57
CA PRO B 281 14.07 17.42 20.70
C PRO B 281 14.17 15.91 20.90
N ILE B 282 14.37 15.20 19.79
CA ILE B 282 14.75 13.79 19.85
C ILE B 282 16.25 13.78 20.09
N THR B 283 16.65 13.51 21.33
CA THR B 283 18.06 13.58 21.70
C THR B 283 18.75 12.25 21.49
N ASP B 284 17.99 11.20 21.21
CA ASP B 284 18.50 9.88 20.86
C ASP B 284 18.90 9.93 19.39
N THR B 285 20.21 9.93 19.12
CA THR B 285 20.63 10.17 17.75
C THR B 285 20.32 9.00 16.81
N VAL B 286 20.21 7.78 17.35
CA VAL B 286 19.78 6.65 16.53
C VAL B 286 18.35 6.86 16.07
N TYR B 287 17.47 7.23 17.00
CA TYR B 287 16.07 7.48 16.65
C TYR B 287 15.96 8.62 15.67
N ALA B 288 16.72 9.70 15.90
CA ALA B 288 16.67 10.85 15.00
C ALA B 288 17.09 10.44 13.59
N ARG B 289 18.13 9.62 13.44
N ARG B 289 18.04 9.52 13.49
CA ARG B 289 18.50 9.16 12.09
CA ARG B 289 18.48 8.97 12.21
C ARG B 289 17.40 8.29 11.50
C ARG B 289 17.41 8.08 11.59
N LEU B 290 16.85 7.40 12.32
N LEU B 290 16.76 7.23 12.39
CA LEU B 290 15.85 6.43 11.85
CA LEU B 290 15.74 6.35 11.84
C LEU B 290 14.61 7.13 11.32
C LEU B 290 14.58 7.14 11.23
N VAL B 291 14.12 8.15 12.03
N VAL B 291 14.06 8.11 11.99
CA VAL B 291 12.90 8.81 11.60
CA VAL B 291 12.86 8.80 11.54
C VAL B 291 13.14 9.63 10.33
C VAL B 291 13.14 9.60 10.28
N ALA B 292 14.37 10.04 10.06
CA ALA B 292 14.72 10.89 8.93
C ALA B 292 15.28 10.12 7.75
N HIS B 293 15.44 8.80 7.85
CA HIS B 293 16.20 8.07 6.86
C HIS B 293 15.41 7.93 5.56
N GLU B 294 16.09 8.17 4.43
CA GLU B 294 15.42 8.13 3.13
C GLU B 294 14.93 6.74 2.75
N ARG B 295 15.49 5.68 3.34
CA ARG B 295 15.08 4.32 3.00
C ARG B 295 14.17 3.72 4.07
N ILE B 296 13.68 4.52 5.02
CA ILE B 296 12.76 4.06 6.05
C ILE B 296 11.45 4.81 5.94
N ILE B 297 10.34 4.07 5.91
CA ILE B 297 9.01 4.63 6.08
C ILE B 297 8.70 4.51 7.57
N TYR B 298 8.89 5.61 8.32
CA TYR B 298 8.69 5.62 9.75
C TYR B 298 7.29 6.14 10.08
N THR B 299 6.57 5.39 10.91
CA THR B 299 5.25 5.80 11.36
C THR B 299 5.17 5.66 12.88
N PRO B 300 4.35 6.49 13.54
CA PRO B 300 4.38 6.59 15.01
C PRO B 300 3.47 5.58 15.71
N HIS B 301 3.68 4.31 15.42
CA HIS B 301 3.02 3.24 16.15
C HIS B 301 1.51 3.28 15.91
N ILE B 302 1.15 3.36 14.62
CA ILE B 302 -0.24 3.53 14.20
C ILE B 302 -0.76 2.34 13.39
N ALA B 303 -0.03 1.23 13.34
CA ALA B 303 -0.56 0.07 12.61
C ALA B 303 -1.94 -0.32 13.14
N PHE B 304 -2.14 -0.22 14.46
CA PHE B 304 -3.41 -0.57 15.08
C PHE B 304 -4.52 0.45 14.85
N TYR B 305 -4.20 1.65 14.34
CA TYR B 305 -5.04 2.82 14.57
C TYR B 305 -6.16 2.92 13.53
N THR B 306 -7.18 2.09 13.73
CA THR B 306 -8.35 2.04 12.86
C THR B 306 -9.62 2.12 13.69
N GLU B 307 -10.73 2.45 13.00
N GLU B 307 -10.74 2.45 13.03
CA GLU B 307 -12.03 2.54 13.65
CA GLU B 307 -12.00 2.58 13.75
C GLU B 307 -12.36 1.27 14.41
C GLU B 307 -12.36 1.26 14.44
N THR B 308 -12.10 0.12 13.79
CA THR B 308 -12.41 -1.16 14.42
C THR B 308 -11.60 -1.35 15.69
N ALA B 309 -10.31 -1.00 15.64
CA ALA B 309 -9.48 -1.15 16.83
C ALA B 309 -10.00 -0.28 17.97
N ILE B 310 -10.38 0.96 17.66
CA ILE B 310 -10.86 1.86 18.71
C ILE B 310 -12.13 1.28 19.34
N GLU B 311 -13.07 0.85 18.49
CA GLU B 311 -14.30 0.25 18.98
C GLU B 311 -14.00 -0.89 19.93
N ASN B 312 -13.06 -1.77 19.56
CA ASN B 312 -12.76 -2.92 20.38
C ASN B 312 -12.02 -2.53 21.67
N MET B 313 -11.15 -1.52 21.61
CA MET B 313 -10.51 -1.06 22.83
C MET B 313 -11.54 -0.55 23.83
N VAL B 314 -12.54 0.19 23.34
CA VAL B 314 -13.57 0.73 24.22
C VAL B 314 -14.48 -0.39 24.73
N PHE B 315 -15.04 -1.20 23.81
CA PHE B 315 -15.98 -2.23 24.23
C PHE B 315 -15.30 -3.25 25.14
N ASN B 316 -14.08 -3.68 24.78
CA ASN B 316 -13.46 -4.75 25.56
C ASN B 316 -13.05 -4.27 26.96
N SER B 317 -12.64 -3.01 27.08
CA SER B 317 -12.28 -2.47 28.39
C SER B 317 -13.50 -2.29 29.28
N LEU B 318 -14.60 -1.76 28.72
CA LEU B 318 -15.82 -1.62 29.52
C LEU B 318 -16.39 -2.98 29.88
N ASP B 319 -16.32 -3.94 28.96
CA ASP B 319 -16.77 -5.30 29.28
C ASP B 319 -15.93 -5.89 30.41
N ALA B 320 -14.61 -5.75 30.34
CA ALA B 320 -13.75 -6.34 31.35
C ALA B 320 -13.99 -5.69 32.71
N CYS B 321 -14.05 -4.36 32.72
CA CYS B 321 -14.31 -3.63 33.96
C CYS B 321 -15.59 -4.10 34.60
N THR B 322 -16.67 -4.14 33.82
CA THR B 322 -17.95 -4.50 34.41
C THR B 322 -18.05 -5.98 34.76
N THR B 323 -17.38 -6.87 34.00
CA THR B 323 -17.33 -8.28 34.40
C THR B 323 -16.70 -8.44 35.78
N VAL B 324 -15.58 -7.76 36.00
CA VAL B 324 -14.95 -7.79 37.32
C VAL B 324 -15.88 -7.24 38.38
N LEU B 325 -16.55 -6.13 38.10
CA LEU B 325 -17.43 -5.52 39.09
C LEU B 325 -18.63 -6.40 39.41
N ARG B 326 -19.05 -7.26 38.48
CA ARG B 326 -20.12 -8.21 38.72
C ARG B 326 -19.66 -9.43 39.50
N GLY B 327 -18.37 -9.51 39.85
CA GLY B 327 -17.85 -10.66 40.55
C GLY B 327 -17.68 -11.89 39.70
N GLU B 328 -17.57 -11.72 38.39
CA GLU B 328 -17.46 -12.81 37.44
C GLU B 328 -16.02 -12.97 36.98
N PRO B 329 -15.65 -14.17 36.53
CA PRO B 329 -14.28 -14.37 36.03
C PRO B 329 -14.07 -13.59 34.75
N CYS B 330 -12.89 -13.01 34.60
CA CYS B 330 -12.57 -12.19 33.44
C CYS B 330 -11.26 -12.63 32.82
N ALA B 331 -11.31 -13.09 31.57
CA ALA B 331 -10.11 -13.59 30.91
C ALA B 331 -9.04 -12.51 30.73
N ALA B 332 -9.43 -11.25 30.70
CA ALA B 332 -8.50 -10.13 30.54
C ALA B 332 -7.99 -9.60 31.87
N GLU B 333 -8.30 -10.25 32.99
CA GLU B 333 -7.77 -9.81 34.26
C GLU B 333 -6.31 -10.22 34.39
N ILE B 334 -5.48 -9.28 34.84
CA ILE B 334 -4.08 -9.51 35.16
C ILE B 334 -4.03 -9.75 36.65
N LYS B 335 -3.70 -10.96 37.08
CA LYS B 335 -3.61 -11.27 38.50
C LYS B 335 -2.29 -10.74 39.04
N LEU B 336 -2.36 -9.86 40.02
CA LEU B 336 -1.17 -9.24 40.58
C LEU B 336 -0.67 -9.99 41.80
C1 EDO C . 3.08 0.87 -22.21
O1 EDO C . 2.55 1.74 -23.21
C2 EDO C . 2.13 0.80 -21.02
O2 EDO C . 0.87 0.34 -21.52
H11 EDO C . 3.24 -0.13 -22.61
H12 EDO C . 4.05 1.25 -21.87
HO1 EDO C . 3.16 1.79 -23.96
H21 EDO C . 2.02 1.77 -20.55
H22 EDO C . 2.51 0.10 -20.26
HO2 EDO C . 0.23 0.27 -20.79
C1 EDO D . -8.00 12.19 18.27
O1 EDO D . -7.53 13.48 17.89
C2 EDO D . -7.14 11.58 19.38
O2 EDO D . -5.91 12.29 19.55
H11 EDO D . -7.98 11.53 17.40
H12 EDO D . -9.04 12.25 18.61
HO1 EDO D . -6.87 13.39 17.19
H21 EDO D . -7.71 11.59 20.32
H22 EDO D . -6.93 10.54 19.14
HO2 EDO D . -5.42 11.92 20.29
CL CL E . 6.83 -9.31 -11.16
C1 EDO F . -1.60 0.45 20.94
O1 EDO F . -1.26 -0.88 21.37
C2 EDO F . -2.13 1.20 22.16
O2 EDO F . -1.18 1.15 23.23
H11 EDO F . -0.73 0.96 20.54
H12 EDO F . -2.37 0.41 20.16
HO1 EDO F . -0.91 -1.37 20.61
H21 EDO F . -2.34 2.24 21.89
H22 EDO F . -3.08 0.75 22.48
HO2 EDO F . -1.51 1.67 23.98
C1 EDO G . 12.95 2.52 0.50
O1 EDO G . 12.49 1.27 -0.04
C2 EDO G . 11.75 3.39 0.88
O2 EDO G . 10.82 3.42 -0.21
H11 EDO G . 13.56 3.03 -0.24
H12 EDO G . 13.56 2.34 1.39
HO1 EDO G . 13.25 0.73 -0.30
H21 EDO G . 11.27 2.99 1.77
H22 EDO G . 12.09 4.41 1.10
HO2 EDO G . 10.06 3.97 0.03
C1 EDO H . 12.22 19.32 17.97
O1 EDO H . 13.62 19.06 17.90
C2 EDO H . 11.50 18.20 17.23
O2 EDO H . 11.79 16.94 17.84
H11 EDO H . 12.00 20.28 17.52
H12 EDO H . 11.90 19.35 19.01
HO1 EDO H . 14.11 19.76 18.36
H21 EDO H . 11.82 18.20 16.18
H22 EDO H . 10.43 18.39 17.25
HO2 EDO H . 11.33 16.24 17.36
C1 EDO I . 8.62 10.18 6.66
O1 EDO I . 7.35 9.86 6.08
C2 EDO I . 8.99 9.06 7.63
O2 EDO I . 9.52 7.98 6.85
H11 EDO I . 8.56 11.13 7.18
H12 EDO I . 9.37 10.26 5.88
HO1 EDO I . 7.20 10.42 5.31
H21 EDO I . 9.73 9.42 8.35
H22 EDO I . 8.11 8.73 8.19
HO2 EDO I . 8.82 7.36 6.65
CL CL J . -12.15 -0.05 10.50
#